data_8JIL
#
_entry.id   8JIL
#
_cell.length_a   1.00
_cell.length_b   1.00
_cell.length_c   1.00
_cell.angle_alpha   90.00
_cell.angle_beta   90.00
_cell.angle_gamma   90.00
#
_symmetry.space_group_name_H-M   'P 1'
#
loop_
_entity.id
_entity.type
_entity.pdbx_description
1 polymer 'Guanine nucleotide-binding protein G(I)/G(S)/G(T) subunit beta-1'
2 polymer 'Guanine nucleotide-binding protein G(I)/G(S)/G(O) subunit gamma-2'
3 polymer 'Guanine nucleotide-binding protein G(i) subunit alpha-1'
4 polymer scFv16
5 polymer 'Hydroxycarboxylic acid receptor 2'
6 non-polymer 'NICOTINIC ACID'
7 non-polymer CHOLESTEROL
8 water water
#
loop_
_entity_poly.entity_id
_entity_poly.type
_entity_poly.pdbx_seq_one_letter_code
_entity_poly.pdbx_strand_id
1 'polypeptide(L)'
;MHHHHLEVLFQGPGSSGSELDQLRQEAEQLKNQIRDARKACADATLSQITNNIDPVGRIQMRTRRTLRGHLAKIYAMHWG
TDSRLLVSASQDGKLIIWDSYTTNKVHAIPLRSSWVMTCAYAPSGNYVACGGLDNICSIYNLKTREGNVRVSRELAGHTG
YLSCCRFLDDNQIVTSSGDTTCALWDIETGQQTTTFTGHTGDVMSLSLAPDTRLFVSGACDASAKLWDVREGMCRQTFTG
HESDINAICFFPNGNAFATGSDDATCRLFDLRADQELMTYSHDNIICGITSVSFSKSGRLLLAGYDDFNCNVWDALKADR
AGVLAGHDNRVSCLGVTDDGMAVATGSWDSFLKIWN
;
B
2 'polypeptide(L)' MASNNTASIAQARKLVEQLKMEANIDRIKVSKAAADLMAYCEAHAKEDPLLTPVPASENPFREKKFFCAIL C
3 'polypeptide(L)'
;MGCTLSAEDKAAVERSKMIDRNLREDGEKAAREVKLLLLGAGESGKNTIVKQMKIIHEAGYSEEECKQYKAVVYSNTIQS
IIAIIRAMGRLKIDFGDSARADDARQLFVLAGAAEEGFMTAELAGVIKRLWKDSGVQACFNRSREYQLNDSAAYYLNDLD
RIAQPNYIPTQQDVLRTRVKTTGIVETHFTFKDLHFKMFDVGAQRSERKKWIHCFEGVTAIIFCVALSDYDLVLAEDEEM
NRMHASMKLFDSICNNKWFTDTSIILFLNKKDLFEEKIKKSPLTICYPEYAGSNTYEEAAAYIQCQFEDLNKRKDTKEIY
THFTCSTDTKNVQFVFDAVTDVIIKNNLKDCGLF
;
D
4 'polypeptide(L)'
;DVQLVESGGGLVQPGGSRKLSCSASGFAFSSFGMHWVRQAPEKGLEWVAYISSGSGTIYYADTVKGRFTISRDDPKNTLF
LQMTSLRSEDTAMYYCVRSIYYYGSSPFDFWGQGTTLTVSSGGGGSGGGGSGGGGSDIVMTQATSSVPVTPGESVSISCR
SSKSLLHSNGNTYLYWFLQRPGQSPQLLIYRMSNLASGVPDRFSGSGSGTAFTLTISRLEAEDVGVYYCMQHLEYPLTFG
AGTKLELKAAAENLYFQGHHHHHHHH
;
S
5 'polypeptide(L)'
;MKTIIALSYIFCLVFADYKDDDDAHHHHHHHHHHMNRHHLQDHFLEIDKKNCCVFRDDFIVKVLPPVLGLEFIFGLLGNG
LALWIFCFHLKSWKSSRIFLFNLAVADFLLIICLPFLMDNYVRRWDWKFGDIPCRLMLFMLAMNRQGSIIFLTVVAVDRY
FRVVHPHHALNKISNRTAAIISCLLWGITIGLTVHLLKKKMPIQNGGANLCSSFSICHTFQWHEAMFLLEFFLPLGIILF
CSARIIWSLRQRQMDRHAKIKRAITFIMVVAIVFVICFLPSVVVRIRIFWLLHTSGTQNCEVYRSVDLAFFITLSFTYMN
SMLDPVVYYFSSPSFPNFFSTLINRCLQRKMTGEPDNNRSTSVELTGDPNKTRGAPEALMANSGEPWSPSYLGPTSP
;
A
#
# COMPACT_ATOMS: atom_id res chain seq x y z
N GLY A 17 -44.81 10.62 -33.19
CA GLY A 17 -45.84 11.32 -33.93
C GLY A 17 -45.66 12.83 -33.94
N SER A 18 -46.73 13.54 -34.33
CA SER A 18 -46.66 15.00 -34.36
C SER A 18 -46.55 15.58 -32.95
N GLU A 19 -47.20 14.94 -31.97
CA GLU A 19 -47.11 15.40 -30.59
C GLU A 19 -45.67 15.33 -30.10
N LEU A 20 -44.95 14.26 -30.46
CA LEU A 20 -43.54 14.13 -30.08
C LEU A 20 -42.74 15.32 -30.60
N ASP A 21 -42.91 15.65 -31.89
CA ASP A 21 -42.13 16.72 -32.49
C ASP A 21 -42.49 18.08 -31.89
N GLN A 22 -43.78 18.33 -31.65
CA GLN A 22 -44.18 19.61 -31.08
C GLN A 22 -43.68 19.74 -29.64
N LEU A 23 -43.73 18.66 -28.86
CA LEU A 23 -43.17 18.70 -27.51
C LEU A 23 -41.67 18.92 -27.53
N ARG A 24 -40.98 18.31 -28.51
CA ARG A 24 -39.54 18.52 -28.63
C ARG A 24 -39.22 19.97 -28.98
N GLN A 25 -40.00 20.57 -29.87
CA GLN A 25 -39.81 21.99 -30.21
C GLN A 25 -40.04 22.88 -28.99
N GLU A 26 -41.11 22.59 -28.23
CA GLU A 26 -41.37 23.36 -27.02
C GLU A 26 -40.24 23.20 -26.02
N ALA A 27 -39.72 21.99 -25.86
CA ALA A 27 -38.59 21.77 -24.96
C ALA A 27 -37.35 22.53 -25.41
N GLU A 28 -37.09 22.55 -26.72
CA GLU A 28 -35.94 23.29 -27.23
C GLU A 28 -36.09 24.78 -26.95
N GLN A 29 -37.29 25.33 -27.12
CA GLN A 29 -37.43 26.77 -26.88
C GLN A 29 -37.44 27.09 -25.39
N LEU A 30 -37.88 26.17 -24.53
CA LEU A 30 -37.62 26.34 -23.09
C LEU A 30 -36.13 26.32 -22.78
N LYS A 31 -35.38 25.44 -23.44
CA LYS A 31 -33.93 25.42 -23.23
C LYS A 31 -33.30 26.74 -23.63
N ASN A 32 -33.75 27.29 -24.77
CA ASN A 32 -33.27 28.61 -25.19
C ASN A 32 -33.63 29.69 -24.18
N GLN A 33 -34.86 29.66 -23.66
CA GLN A 33 -35.28 30.65 -22.67
C GLN A 33 -34.42 30.56 -21.40
N ILE A 34 -34.15 29.34 -20.93
CA ILE A 34 -33.35 29.17 -19.72
C ILE A 34 -31.92 29.64 -19.96
N ARG A 35 -31.38 29.33 -21.14
CA ARG A 35 -30.04 29.81 -21.49
C ARG A 35 -29.99 31.33 -21.48
N ASP A 36 -30.99 31.99 -22.09
CA ASP A 36 -31.02 33.44 -22.11
C ASP A 36 -31.15 34.01 -20.70
N ALA A 37 -31.97 33.37 -19.85
CA ALA A 37 -32.13 33.84 -18.48
C ALA A 37 -30.81 33.74 -17.71
N ARG A 38 -30.09 32.63 -17.91
CA ARG A 38 -28.79 32.49 -17.24
C ARG A 38 -27.79 33.52 -17.75
N LYS A 39 -27.80 33.78 -19.06
CA LYS A 39 -26.83 34.71 -19.63
C LYS A 39 -27.11 36.15 -19.20
N ALA A 40 -28.39 36.52 -19.11
CA ALA A 40 -28.74 37.93 -18.92
C ALA A 40 -28.54 38.41 -17.49
N CYS A 41 -28.30 37.51 -16.53
CA CYS A 41 -28.16 37.90 -15.13
C CYS A 41 -26.71 37.95 -14.67
N ALA A 42 -25.76 38.01 -15.59
CA ALA A 42 -24.34 38.12 -15.27
C ALA A 42 -23.82 39.48 -15.72
N ASP A 43 -23.07 40.14 -14.83
CA ASP A 43 -22.55 41.47 -15.10
C ASP A 43 -21.02 41.52 -15.17
N ALA A 44 -20.33 40.92 -14.21
CA ALA A 44 -18.88 40.99 -14.17
C ALA A 44 -18.34 39.66 -13.67
N THR A 45 -17.13 39.33 -14.11
CA THR A 45 -16.48 38.10 -13.71
C THR A 45 -16.08 38.17 -12.24
N LEU A 46 -15.96 36.99 -11.61
CA LEU A 46 -15.58 36.95 -10.21
C LEU A 46 -14.14 37.40 -10.02
N SER A 47 -13.31 37.27 -11.05
CA SER A 47 -11.93 37.74 -10.97
C SER A 47 -11.86 39.25 -10.84
N GLN A 48 -12.72 39.97 -11.56
CA GLN A 48 -12.73 41.43 -11.45
C GLN A 48 -13.08 41.87 -10.04
N ILE A 49 -14.03 41.19 -9.40
CA ILE A 49 -14.38 41.51 -8.02
C ILE A 49 -13.24 41.13 -7.09
N THR A 50 -12.58 40.01 -7.35
CA THR A 50 -11.57 39.48 -6.44
C THR A 50 -10.14 39.91 -6.79
N ASN A 51 -9.97 40.89 -7.67
CA ASN A 51 -8.63 41.29 -8.07
C ASN A 51 -8.04 42.38 -7.19
N ASN A 52 -8.86 43.09 -6.41
CA ASN A 52 -8.35 44.16 -5.57
C ASN A 52 -7.41 43.64 -4.48
N ILE A 53 -7.75 42.48 -3.91
CA ILE A 53 -6.98 41.93 -2.79
C ILE A 53 -5.63 41.44 -3.29
N ASP A 54 -4.70 41.22 -2.36
CA ASP A 54 -3.34 40.77 -2.60
C ASP A 54 -3.26 39.24 -2.57
N PRO A 55 -2.39 38.64 -3.38
CA PRO A 55 -2.31 37.18 -3.39
C PRO A 55 -1.50 36.65 -2.22
N VAL A 56 -1.93 35.50 -1.69
CA VAL A 56 -1.17 34.83 -0.66
C VAL A 56 0.21 34.49 -1.19
N GLY A 57 1.20 34.50 -0.29
CA GLY A 57 2.55 34.17 -0.68
C GLY A 57 2.68 32.74 -1.14
N ARG A 58 3.91 32.39 -1.54
CA ARG A 58 4.19 31.03 -1.98
C ARG A 58 3.92 30.06 -0.84
N ILE A 59 2.86 29.27 -0.98
CA ILE A 59 2.46 28.33 0.08
C ILE A 59 3.46 27.18 0.06
N GLN A 60 4.30 27.12 1.08
CA GLN A 60 5.29 26.05 1.21
C GLN A 60 4.82 25.09 2.29
N MET A 61 4.42 23.89 1.88
CA MET A 61 3.88 22.89 2.78
C MET A 61 4.72 21.63 2.69
N ARG A 62 5.13 21.10 3.83
CA ARG A 62 6.06 19.99 3.89
C ARG A 62 5.37 18.76 4.45
N THR A 63 5.88 17.59 4.05
CA THR A 63 5.35 16.34 4.54
C THR A 63 5.69 16.18 6.01
N ARG A 64 4.68 16.24 6.88
CA ARG A 64 4.86 16.04 8.31
C ARG A 64 4.74 14.59 8.72
N ARG A 65 3.74 13.88 8.22
CA ARG A 65 3.59 12.45 8.43
C ARG A 65 3.54 11.76 7.09
N THR A 66 3.68 10.43 7.11
CA THR A 66 3.60 9.63 5.89
C THR A 66 2.97 8.30 6.26
N LEU A 67 1.70 8.15 5.91
CA LEU A 67 0.94 6.96 6.29
C LEU A 67 1.18 5.88 5.24
N ARG A 68 1.64 4.72 5.68
CA ARG A 68 1.97 3.65 4.76
C ARG A 68 1.53 2.31 5.32
N GLY A 69 1.21 1.39 4.41
CA GLY A 69 0.65 0.10 4.77
C GLY A 69 -0.36 -0.41 3.78
N HIS A 70 -0.79 0.45 2.86
CA HIS A 70 -1.63 0.03 1.73
C HIS A 70 -0.75 -0.63 0.67
N LEU A 71 -1.29 -1.69 0.04
CA LEU A 71 -0.52 -2.50 -0.90
C LEU A 71 -1.08 -2.43 -2.32
N ALA A 72 -1.80 -1.39 -2.67
CA ALA A 72 -2.41 -1.26 -3.99
C ALA A 72 -2.93 0.17 -4.13
N LYS A 73 -3.59 0.45 -5.25
CA LYS A 73 -4.07 1.80 -5.51
C LYS A 73 -5.09 2.24 -4.47
N ILE A 74 -5.00 3.50 -4.08
CA ILE A 74 -5.90 4.11 -3.09
C ILE A 74 -6.93 4.91 -3.85
N TYR A 75 -8.21 4.72 -3.51
CA TYR A 75 -9.29 5.38 -4.24
C TYR A 75 -10.04 6.44 -3.46
N ALA A 76 -10.09 6.38 -2.13
CA ALA A 76 -10.83 7.39 -1.38
C ALA A 76 -10.25 7.58 0.01
N MET A 77 -10.51 8.76 0.57
CA MET A 77 -10.24 9.06 1.97
C MET A 77 -11.27 10.07 2.45
N HIS A 78 -11.42 10.16 3.77
CA HIS A 78 -12.39 11.07 4.38
C HIS A 78 -11.90 11.45 5.77
N TRP A 79 -11.96 12.76 6.08
CA TRP A 79 -11.47 13.26 7.35
C TRP A 79 -12.52 13.10 8.44
N GLY A 80 -12.08 12.69 9.63
CA GLY A 80 -12.99 12.53 10.75
C GLY A 80 -13.53 13.85 11.25
N THR A 81 -14.49 13.75 12.18
CA THR A 81 -15.20 14.93 12.65
C THR A 81 -14.35 15.77 13.60
N ASP A 82 -13.55 15.12 14.44
CA ASP A 82 -12.70 15.83 15.39
C ASP A 82 -11.37 16.27 14.77
N SER A 83 -11.14 15.97 13.50
CA SER A 83 -9.96 16.44 12.76
C SER A 83 -8.68 15.76 13.23
N ARG A 84 -8.79 14.52 13.71
CA ARG A 84 -7.61 13.78 14.12
C ARG A 84 -7.61 12.37 13.54
N LEU A 85 -8.79 11.89 13.12
CA LEU A 85 -8.87 10.58 12.50
C LEU A 85 -9.28 10.69 11.04
N LEU A 86 -8.99 9.63 10.28
CA LEU A 86 -9.44 9.54 8.90
C LEU A 86 -9.47 8.07 8.49
N VAL A 87 -10.07 7.81 7.33
CA VAL A 87 -10.28 6.47 6.80
C VAL A 87 -9.88 6.45 5.33
N SER A 88 -9.40 5.30 4.87
CA SER A 88 -8.94 5.16 3.49
C SER A 88 -9.29 3.78 2.95
N ALA A 89 -9.43 3.70 1.62
CA ALA A 89 -9.85 2.50 0.91
C ALA A 89 -8.96 2.23 -0.30
N SER A 90 -8.68 0.95 -0.54
CA SER A 90 -7.82 0.53 -1.65
C SER A 90 -8.36 -0.75 -2.27
N GLN A 91 -7.77 -1.13 -3.40
CA GLN A 91 -8.17 -2.34 -4.12
C GLN A 91 -7.62 -3.59 -3.48
N ASP A 92 -6.84 -3.44 -2.41
CA ASP A 92 -6.39 -4.61 -1.67
C ASP A 92 -7.55 -5.27 -0.91
N GLY A 93 -8.69 -4.61 -0.84
CA GLY A 93 -9.82 -5.07 -0.06
C GLY A 93 -9.75 -4.72 1.41
N LYS A 94 -9.22 -3.56 1.77
CA LYS A 94 -9.11 -3.13 3.15
C LYS A 94 -9.57 -1.69 3.30
N LEU A 95 -10.10 -1.39 4.48
CA LEU A 95 -10.45 -0.05 4.91
C LEU A 95 -9.64 0.22 6.17
N ILE A 96 -9.06 1.40 6.29
CA ILE A 96 -8.12 1.68 7.38
C ILE A 96 -8.45 3.01 8.04
N ILE A 97 -8.41 3.02 9.38
CA ILE A 97 -8.62 4.22 10.19
C ILE A 97 -7.29 4.60 10.86
N TRP A 98 -6.93 5.87 10.76
CA TRP A 98 -5.63 6.36 11.17
C TRP A 98 -5.74 7.27 12.39
N ASP A 99 -4.58 7.54 12.98
CA ASP A 99 -4.39 8.61 13.96
C ASP A 99 -3.33 9.53 13.39
N SER A 100 -3.75 10.69 12.90
CA SER A 100 -2.84 11.59 12.18
C SER A 100 -1.74 12.14 13.05
N TYR A 101 -2.00 12.35 14.34
CA TYR A 101 -1.00 12.97 15.21
C TYR A 101 0.13 12.01 15.54
N THR A 102 -0.19 10.73 15.68
CA THR A 102 0.79 9.72 16.09
C THR A 102 1.27 8.86 14.93
N THR A 103 0.49 8.79 13.85
CA THR A 103 0.68 7.82 12.75
C THR A 103 0.47 6.39 13.23
N ASN A 104 -0.52 6.20 14.10
CA ASN A 104 -0.91 4.86 14.49
C ASN A 104 -2.06 4.37 13.60
N LYS A 105 -2.37 3.08 13.75
CA LYS A 105 -3.51 2.48 13.07
C LYS A 105 -4.53 2.04 14.10
N VAL A 106 -5.74 2.58 14.01
CA VAL A 106 -6.78 2.33 15.00
C VAL A 106 -7.64 1.14 14.63
N HIS A 107 -8.00 1.01 13.34
CA HIS A 107 -8.87 -0.07 12.87
C HIS A 107 -8.49 -0.47 11.45
N ALA A 108 -8.59 -1.77 11.17
CA ALA A 108 -8.46 -2.33 9.83
C ALA A 108 -9.65 -3.23 9.55
N ILE A 109 -10.43 -2.88 8.53
CA ILE A 109 -11.73 -3.49 8.23
C ILE A 109 -11.62 -4.21 6.90
N PRO A 110 -11.80 -5.54 6.86
CA PRO A 110 -11.82 -6.24 5.57
C PRO A 110 -13.12 -6.00 4.83
N LEU A 111 -13.02 -5.87 3.51
CA LEU A 111 -14.17 -5.67 2.65
C LEU A 111 -14.56 -6.96 1.95
N ARG A 112 -15.77 -6.97 1.40
CA ARG A 112 -16.31 -8.13 0.69
C ARG A 112 -16.02 -8.06 -0.80
N SER A 113 -16.34 -6.94 -1.43
CA SER A 113 -16.02 -6.70 -2.83
C SER A 113 -14.75 -5.87 -2.91
N SER A 114 -13.70 -6.43 -3.49
CA SER A 114 -12.42 -5.76 -3.59
C SER A 114 -12.45 -4.50 -4.45
N TRP A 115 -13.47 -4.35 -5.29
CA TRP A 115 -13.55 -3.25 -6.23
C TRP A 115 -14.33 -2.12 -5.56
N VAL A 116 -13.61 -1.14 -5.02
CA VAL A 116 -14.20 -0.04 -4.29
C VAL A 116 -13.96 1.25 -5.04
N MET A 117 -14.81 2.24 -4.77
CA MET A 117 -14.63 3.56 -5.37
C MET A 117 -14.78 4.72 -4.41
N THR A 118 -15.36 4.53 -3.23
CA THR A 118 -15.57 5.59 -2.25
C THR A 118 -15.68 5.00 -0.85
N CYS A 119 -15.54 5.89 0.14
CA CYS A 119 -15.81 5.59 1.54
C CYS A 119 -16.26 6.86 2.22
N ALA A 120 -16.87 6.72 3.39
CA ALA A 120 -17.41 7.86 4.11
C ALA A 120 -17.37 7.61 5.61
N TYR A 121 -17.34 8.71 6.37
CA TYR A 121 -17.20 8.70 7.83
C TYR A 121 -18.44 9.37 8.43
N ALA A 122 -19.04 8.73 9.43
CA ALA A 122 -20.21 9.31 10.06
C ALA A 122 -19.84 10.59 10.79
N PRO A 123 -20.74 11.59 10.81
CA PRO A 123 -20.42 12.86 11.49
C PRO A 123 -20.41 12.77 13.00
N SER A 124 -20.89 11.68 13.58
CA SER A 124 -20.78 11.44 15.01
C SER A 124 -19.56 10.61 15.38
N GLY A 125 -19.17 9.67 14.53
CA GLY A 125 -18.03 8.82 14.79
C GLY A 125 -18.35 7.36 15.03
N ASN A 126 -19.59 6.95 14.78
CA ASN A 126 -19.98 5.57 15.04
C ASN A 126 -19.90 4.68 13.81
N TYR A 127 -19.98 5.24 12.61
CA TYR A 127 -20.21 4.49 11.39
C TYR A 127 -19.28 4.93 10.27
N VAL A 128 -18.95 3.98 9.39
CA VAL A 128 -18.30 4.26 8.12
C VAL A 128 -19.01 3.50 7.01
N ALA A 129 -19.09 4.13 5.83
CA ALA A 129 -19.80 3.56 4.69
C ALA A 129 -18.84 3.28 3.54
N CYS A 130 -19.16 2.27 2.75
CA CYS A 130 -18.29 1.85 1.66
C CYS A 130 -19.13 1.25 0.53
N GLY A 131 -18.52 1.09 -0.63
CA GLY A 131 -19.17 0.38 -1.73
C GLY A 131 -18.71 0.92 -3.07
N GLY A 132 -18.74 0.03 -4.06
CA GLY A 132 -18.41 0.38 -5.42
C GLY A 132 -18.36 -0.80 -6.37
N LEU A 133 -18.58 -0.55 -7.67
CA LEU A 133 -18.51 -1.55 -8.75
C LEU A 133 -19.24 -2.84 -8.40
N ASP A 134 -20.19 -2.78 -7.47
CA ASP A 134 -21.01 -3.91 -7.09
C ASP A 134 -22.47 -3.57 -6.92
N ASN A 135 -22.82 -2.28 -6.90
CA ASN A 135 -24.17 -1.72 -6.81
C ASN A 135 -24.76 -1.86 -5.40
N ILE A 136 -23.91 -2.05 -4.39
CA ILE A 136 -24.36 -2.22 -3.00
C ILE A 136 -23.55 -1.28 -2.12
N CYS A 137 -24.23 -0.62 -1.17
CA CYS A 137 -23.58 0.26 -0.20
C CYS A 137 -23.64 -0.36 1.19
N SER A 138 -22.48 -0.61 1.79
CA SER A 138 -22.42 -1.26 3.10
C SER A 138 -22.08 -0.24 4.18
N ILE A 139 -22.68 -0.45 5.35
CA ILE A 139 -22.52 0.42 6.52
C ILE A 139 -21.87 -0.38 7.65
N TYR A 140 -20.93 0.24 8.35
CA TYR A 140 -20.13 -0.41 9.37
C TYR A 140 -20.23 0.36 10.69
N ASN A 141 -20.40 -0.37 11.78
CA ASN A 141 -20.53 0.18 13.12
C ASN A 141 -19.20 0.07 13.86
N LEU A 142 -18.65 1.22 14.25
CA LEU A 142 -17.34 1.27 14.90
C LEU A 142 -17.44 1.06 16.41
N LYS A 143 -18.32 1.82 17.07
CA LYS A 143 -18.41 1.80 18.52
C LYS A 143 -19.42 0.75 18.98
N THR A 144 -19.12 -0.49 18.63
CA THR A 144 -19.87 -1.61 19.16
C THR A 144 -19.35 -1.94 20.57
N ARG A 145 -20.04 -2.85 21.25
CA ARG A 145 -19.63 -3.28 22.57
C ARG A 145 -18.87 -4.60 22.53
N GLU A 146 -18.73 -5.19 21.35
CA GLU A 146 -17.95 -6.40 21.15
C GLU A 146 -16.50 -6.14 20.80
N GLY A 147 -16.13 -4.89 20.55
CA GLY A 147 -14.75 -4.52 20.30
C GLY A 147 -14.36 -4.48 18.83
N ASN A 148 -15.12 -5.13 17.95
CA ASN A 148 -14.80 -5.21 16.54
C ASN A 148 -15.84 -4.49 15.71
N VAL A 149 -15.46 -4.14 14.49
CA VAL A 149 -16.38 -3.52 13.54
C VAL A 149 -17.22 -4.60 12.88
N ARG A 150 -18.49 -4.27 12.62
CA ARG A 150 -19.44 -5.21 12.02
C ARG A 150 -20.22 -4.50 10.94
N VAL A 151 -20.92 -5.28 10.12
CA VAL A 151 -21.69 -4.75 9.01
C VAL A 151 -23.09 -4.42 9.53
N SER A 152 -23.49 -3.16 9.38
CA SER A 152 -24.78 -2.71 9.89
C SER A 152 -25.91 -2.92 8.89
N ARG A 153 -25.75 -2.40 7.67
CA ARG A 153 -26.81 -2.47 6.67
C ARG A 153 -26.18 -2.58 5.29
N GLU A 154 -26.95 -3.14 4.35
CA GLU A 154 -26.55 -3.34 2.95
C GLU A 154 -27.62 -2.74 2.05
N LEU A 155 -27.44 -1.48 1.66
CA LEU A 155 -28.39 -0.80 0.79
C LEU A 155 -28.19 -1.30 -0.64
N ALA A 156 -29.19 -2.01 -1.16
CA ALA A 156 -29.17 -2.60 -2.48
C ALA A 156 -30.39 -2.14 -3.28
N GLY A 157 -30.23 -2.09 -4.59
CA GLY A 157 -31.32 -1.62 -5.44
C GLY A 157 -30.86 -0.85 -6.65
N HIS A 158 -29.62 -0.38 -6.65
CA HIS A 158 -29.07 0.28 -7.82
C HIS A 158 -28.70 -0.75 -8.88
N THR A 159 -28.60 -0.28 -10.13
CA THR A 159 -28.22 -1.14 -11.25
C THR A 159 -26.93 -0.70 -11.94
N GLY A 160 -26.26 0.36 -11.45
CA GLY A 160 -24.95 0.70 -11.90
C GLY A 160 -24.02 0.85 -10.72
N TYR A 161 -22.71 0.91 -11.00
CA TYR A 161 -21.71 0.97 -9.95
C TYR A 161 -21.92 2.23 -9.10
N LEU A 162 -21.59 2.15 -7.81
CA LEU A 162 -21.75 3.27 -6.90
C LEU A 162 -20.53 4.18 -6.95
N SER A 163 -20.77 5.48 -7.13
CA SER A 163 -19.66 6.41 -7.32
C SER A 163 -19.44 7.35 -6.15
N CYS A 164 -20.35 7.44 -5.19
CA CYS A 164 -20.14 8.27 -4.02
C CYS A 164 -21.17 7.90 -2.96
N CYS A 165 -20.88 8.31 -1.71
CA CYS A 165 -21.81 8.15 -0.60
C CYS A 165 -21.44 9.13 0.51
N ARG A 166 -22.45 9.67 1.18
CA ARG A 166 -22.24 10.69 2.22
C ARG A 166 -23.35 10.60 3.25
N PHE A 167 -22.98 10.37 4.51
CA PHE A 167 -23.95 10.36 5.59
C PHE A 167 -24.64 11.71 5.74
N LEU A 168 -25.96 11.70 5.80
CA LEU A 168 -26.75 12.90 6.08
C LEU A 168 -26.96 13.09 7.56
N ASP A 169 -27.03 11.99 8.30
CA ASP A 169 -27.39 11.96 9.70
C ASP A 169 -26.85 10.64 10.26
N ASP A 170 -27.32 10.26 11.43
CA ASP A 170 -26.97 8.94 11.96
C ASP A 170 -27.90 7.86 11.42
N ASN A 171 -28.95 8.24 10.67
CA ASN A 171 -29.91 7.28 10.15
C ASN A 171 -30.34 7.55 8.71
N GLN A 172 -29.81 8.58 8.04
CA GLN A 172 -30.17 8.88 6.67
C GLN A 172 -28.89 9.01 5.84
N ILE A 173 -28.90 8.45 4.63
CA ILE A 173 -27.73 8.50 3.77
C ILE A 173 -28.17 8.79 2.34
N VAL A 174 -27.24 9.27 1.51
CA VAL A 174 -27.50 9.56 0.11
C VAL A 174 -26.36 8.99 -0.73
N THR A 175 -26.70 8.33 -1.84
CA THR A 175 -25.72 7.72 -2.73
C THR A 175 -26.03 8.06 -4.18
N SER A 176 -25.00 8.06 -5.02
CA SER A 176 -25.14 8.20 -6.46
C SER A 176 -24.50 7.01 -7.15
N SER A 177 -25.09 6.58 -8.27
CA SER A 177 -24.65 5.36 -8.90
C SER A 177 -24.36 5.59 -10.38
N GLY A 178 -23.85 4.54 -11.03
CA GLY A 178 -23.52 4.63 -12.44
C GLY A 178 -24.70 4.43 -13.37
N ASP A 179 -25.84 4.00 -12.84
CA ASP A 179 -27.04 3.79 -13.64
C ASP A 179 -27.84 5.06 -13.82
N THR A 180 -27.21 6.23 -13.70
CA THR A 180 -27.85 7.53 -13.92
C THR A 180 -28.89 7.85 -12.85
N THR A 181 -28.62 7.46 -11.61
CA THR A 181 -29.61 7.58 -10.56
C THR A 181 -28.94 7.90 -9.23
N CYS A 182 -29.53 8.83 -8.48
CA CYS A 182 -29.18 9.07 -7.08
C CYS A 182 -30.32 8.57 -6.21
N ALA A 183 -30.02 8.29 -4.94
CA ALA A 183 -31.04 7.77 -4.04
C ALA A 183 -30.79 8.23 -2.62
N LEU A 184 -31.87 8.51 -1.91
CA LEU A 184 -31.86 8.82 -0.49
C LEU A 184 -32.48 7.66 0.29
N TRP A 185 -31.78 7.22 1.32
CA TRP A 185 -31.93 5.93 1.95
C TRP A 185 -32.06 6.07 3.46
N ASP A 186 -32.83 5.16 4.06
CA ASP A 186 -32.84 4.94 5.49
C ASP A 186 -32.06 3.69 5.83
N ILE A 187 -31.16 3.80 6.81
CA ILE A 187 -30.38 2.63 7.20
C ILE A 187 -31.22 1.64 8.00
N GLU A 188 -32.23 2.13 8.72
CA GLU A 188 -33.00 1.24 9.59
C GLU A 188 -33.85 0.27 8.78
N THR A 189 -34.79 0.79 8.00
CA THR A 189 -35.63 -0.07 7.16
C THR A 189 -34.81 -0.71 6.06
N GLY A 190 -33.95 0.07 5.40
CA GLY A 190 -33.15 -0.41 4.30
C GLY A 190 -33.70 -0.12 2.92
N GLN A 191 -34.79 0.63 2.83
CA GLN A 191 -35.47 0.86 1.56
C GLN A 191 -35.29 2.32 1.13
N GLN A 192 -35.15 2.52 -0.18
CA GLN A 192 -35.08 3.87 -0.70
C GLN A 192 -36.32 4.65 -0.31
N THR A 193 -36.12 5.80 0.33
CA THR A 193 -37.21 6.71 0.59
C THR A 193 -37.25 7.85 -0.41
N THR A 194 -36.27 7.97 -1.29
CA THR A 194 -36.40 8.90 -2.40
C THR A 194 -35.45 8.47 -3.52
N THR A 195 -35.87 8.68 -4.76
CA THR A 195 -35.05 8.39 -5.92
C THR A 195 -34.97 9.63 -6.80
N PHE A 196 -33.76 10.00 -7.19
CA PHE A 196 -33.50 11.18 -8.01
C PHE A 196 -33.06 10.71 -9.39
N THR A 197 -33.81 11.10 -10.41
CA THR A 197 -33.58 10.67 -11.78
C THR A 197 -33.56 11.89 -12.69
N GLY A 198 -32.86 11.75 -13.81
CA GLY A 198 -32.80 12.82 -14.79
C GLY A 198 -31.47 12.97 -15.49
N HIS A 199 -30.48 12.17 -15.09
CA HIS A 199 -29.20 12.11 -15.78
C HIS A 199 -29.23 11.08 -16.90
N THR A 200 -28.43 11.34 -17.94
CA THR A 200 -28.34 10.48 -19.10
C THR A 200 -27.21 9.46 -18.97
N GLY A 201 -26.05 9.89 -18.47
CA GLY A 201 -24.91 9.02 -18.29
C GLY A 201 -24.62 8.73 -16.82
N ASP A 202 -23.56 7.96 -16.61
CA ASP A 202 -23.16 7.56 -15.27
C ASP A 202 -22.90 8.77 -14.38
N VAL A 203 -23.35 8.69 -13.13
CA VAL A 203 -23.15 9.75 -12.15
C VAL A 203 -21.87 9.45 -11.38
N MET A 204 -21.01 10.46 -11.27
CA MET A 204 -19.67 10.26 -10.71
C MET A 204 -19.51 10.77 -9.28
N SER A 205 -20.27 11.76 -8.84
CA SER A 205 -19.99 12.31 -7.52
C SER A 205 -21.21 13.03 -6.96
N LEU A 206 -21.21 13.18 -5.62
CA LEU A 206 -22.18 14.02 -4.92
C LEU A 206 -21.51 14.66 -3.73
N SER A 207 -22.03 15.82 -3.33
CA SER A 207 -21.55 16.55 -2.16
C SER A 207 -22.72 17.13 -1.41
N LEU A 208 -22.66 17.04 -0.07
CA LEU A 208 -23.73 17.44 0.84
C LEU A 208 -23.56 18.87 1.33
N ALA A 209 -24.68 19.54 1.56
CA ALA A 209 -24.66 20.92 2.00
C ALA A 209 -24.19 21.01 3.44
N PRO A 210 -23.71 22.19 3.87
CA PRO A 210 -23.33 22.35 5.28
C PRO A 210 -24.47 22.06 6.25
N ASP A 211 -25.70 22.44 5.90
CA ASP A 211 -26.86 22.25 6.77
C ASP A 211 -27.70 21.04 6.41
N THR A 212 -27.23 20.19 5.49
CA THR A 212 -27.92 18.96 5.11
C THR A 212 -29.37 19.19 4.70
N ARG A 213 -29.57 20.18 3.82
CA ARG A 213 -30.86 20.42 3.19
C ARG A 213 -30.82 20.25 1.69
N LEU A 214 -29.66 20.35 1.06
CA LEU A 214 -29.52 20.16 -0.37
C LEU A 214 -28.24 19.36 -0.61
N PHE A 215 -28.05 18.92 -1.85
CA PHE A 215 -26.82 18.26 -2.26
C PHE A 215 -26.73 18.28 -3.77
N VAL A 216 -25.49 18.34 -4.26
CA VAL A 216 -25.25 18.43 -5.70
C VAL A 216 -24.63 17.14 -6.17
N SER A 217 -24.88 16.80 -7.43
CA SER A 217 -24.31 15.62 -8.05
C SER A 217 -23.75 15.97 -9.42
N GLY A 218 -22.77 15.19 -9.86
CA GLY A 218 -22.14 15.40 -11.15
C GLY A 218 -21.91 14.08 -11.87
N ALA A 219 -22.17 14.07 -13.19
CA ALA A 219 -22.29 12.83 -13.94
C ALA A 219 -21.46 12.88 -15.22
N CYS A 220 -21.36 11.71 -15.88
CA CYS A 220 -20.61 11.48 -17.12
C CYS A 220 -21.27 12.06 -18.34
N ASP A 221 -22.35 12.84 -18.26
CA ASP A 221 -22.88 13.54 -19.42
C ASP A 221 -22.50 15.01 -19.41
N ALA A 222 -21.41 15.35 -18.71
CA ALA A 222 -20.93 16.72 -18.61
C ALA A 222 -21.99 17.64 -18.02
N SER A 223 -22.62 17.18 -16.95
CA SER A 223 -23.66 17.95 -16.30
C SER A 223 -23.74 17.61 -14.82
N ALA A 224 -24.22 18.58 -14.04
CA ALA A 224 -24.41 18.48 -12.60
C ALA A 224 -25.79 18.99 -12.25
N LYS A 225 -26.35 18.48 -11.17
CA LYS A 225 -27.69 18.88 -10.76
C LYS A 225 -27.76 19.14 -9.26
N LEU A 226 -28.61 20.09 -8.88
CA LEU A 226 -28.90 20.41 -7.49
C LEU A 226 -30.23 19.77 -7.11
N TRP A 227 -30.18 18.87 -6.15
CA TRP A 227 -31.36 18.11 -5.74
C TRP A 227 -32.00 18.75 -4.51
N ASP A 228 -32.94 18.02 -3.90
CA ASP A 228 -33.63 18.49 -2.71
C ASP A 228 -34.02 17.28 -1.89
N VAL A 229 -33.58 17.23 -0.63
CA VAL A 229 -33.67 16.01 0.16
C VAL A 229 -35.12 15.71 0.55
N ARG A 230 -35.88 16.74 0.93
CA ARG A 230 -37.15 16.51 1.63
C ARG A 230 -38.14 15.73 0.77
N GLU A 231 -38.27 16.10 -0.51
CA GLU A 231 -39.33 15.51 -1.32
C GLU A 231 -38.85 14.80 -2.57
N GLY A 232 -37.69 15.16 -3.11
CA GLY A 232 -37.25 14.67 -4.40
C GLY A 232 -37.25 15.69 -5.50
N MET A 233 -37.11 16.97 -5.17
CA MET A 233 -37.31 18.09 -6.07
C MET A 233 -36.01 18.40 -6.79
N CYS A 234 -36.00 18.25 -8.11
CA CYS A 234 -34.83 18.65 -8.88
C CYS A 234 -34.87 20.14 -9.13
N ARG A 235 -33.94 20.87 -8.54
CA ARG A 235 -34.09 22.32 -8.45
C ARG A 235 -33.30 23.08 -9.50
N GLN A 236 -32.23 22.51 -10.04
CA GLN A 236 -31.38 23.30 -10.93
C GLN A 236 -30.38 22.39 -11.62
N THR A 237 -29.96 22.78 -12.82
CA THR A 237 -29.01 22.02 -13.61
C THR A 237 -27.89 22.92 -14.11
N PHE A 238 -26.64 22.47 -13.90
CA PHE A 238 -25.44 23.19 -14.30
C PHE A 238 -24.70 22.39 -15.36
N THR A 239 -24.06 23.10 -16.29
CA THR A 239 -23.29 22.48 -17.36
C THR A 239 -21.99 23.26 -17.53
N GLY A 240 -21.28 22.97 -18.62
CA GLY A 240 -20.10 23.74 -18.98
C GLY A 240 -18.88 22.93 -19.37
N HIS A 241 -18.68 21.79 -18.72
CA HIS A 241 -17.59 20.91 -19.13
C HIS A 241 -17.95 20.18 -20.41
N GLU A 242 -16.93 19.69 -21.11
CA GLU A 242 -17.12 18.89 -22.32
C GLU A 242 -16.55 17.48 -22.17
N SER A 243 -16.41 17.02 -20.93
CA SER A 243 -15.99 15.66 -20.64
C SER A 243 -16.64 15.25 -19.33
N ASP A 244 -16.14 14.17 -18.73
CA ASP A 244 -16.74 13.67 -17.50
C ASP A 244 -16.54 14.63 -16.36
N ILE A 245 -17.28 14.44 -15.27
CA ILE A 245 -17.17 15.28 -14.08
C ILE A 245 -17.07 14.37 -12.87
N ASN A 246 -15.87 14.18 -12.35
CA ASN A 246 -15.63 13.24 -11.28
C ASN A 246 -15.14 13.85 -9.97
N ALA A 247 -15.50 15.10 -9.67
CA ALA A 247 -15.20 15.69 -8.37
C ALA A 247 -16.03 16.94 -8.17
N ILE A 248 -16.72 17.05 -7.03
CA ILE A 248 -17.45 18.26 -6.66
C ILE A 248 -17.32 18.49 -5.16
N CYS A 249 -17.35 19.77 -4.77
CA CYS A 249 -17.42 20.13 -3.36
C CYS A 249 -18.16 21.45 -3.17
N PHE A 250 -18.97 21.55 -2.11
CA PHE A 250 -19.45 22.86 -1.65
C PHE A 250 -18.34 23.70 -1.03
N PHE A 251 -18.47 24.99 -1.23
CA PHE A 251 -17.77 26.01 -0.48
C PHE A 251 -18.26 25.98 0.97
N PRO A 252 -17.40 26.33 1.94
CA PRO A 252 -17.83 26.26 3.34
C PRO A 252 -19.05 27.11 3.66
N ASN A 253 -19.26 28.19 2.91
CA ASN A 253 -20.47 29.00 3.08
C ASN A 253 -21.72 28.18 2.77
N GLY A 254 -21.70 27.41 1.68
CA GLY A 254 -22.85 26.69 1.20
C GLY A 254 -23.56 27.36 0.04
N ASN A 255 -22.98 28.42 -0.52
CA ASN A 255 -23.65 29.16 -1.58
C ASN A 255 -22.93 28.97 -2.92
N ALA A 256 -21.94 28.08 -2.96
CA ALA A 256 -21.19 27.80 -4.18
C ALA A 256 -20.73 26.35 -4.17
N PHE A 257 -20.17 25.91 -5.29
CA PHE A 257 -19.54 24.59 -5.35
C PHE A 257 -18.61 24.52 -6.55
N ALA A 258 -17.56 23.73 -6.44
CA ALA A 258 -16.56 23.63 -7.48
C ALA A 258 -16.46 22.20 -8.00
N THR A 259 -16.16 22.10 -9.30
CA THR A 259 -16.18 20.87 -10.06
C THR A 259 -14.81 20.63 -10.67
N GLY A 260 -14.50 19.36 -10.86
CA GLY A 260 -13.25 18.96 -11.50
C GLY A 260 -13.51 17.91 -12.54
N SER A 261 -13.15 18.25 -13.78
CA SER A 261 -13.51 17.46 -14.95
C SER A 261 -12.33 16.64 -15.43
N ASP A 262 -12.56 15.91 -16.52
CA ASP A 262 -11.54 15.08 -17.14
C ASP A 262 -10.80 15.79 -18.25
N ASP A 263 -11.26 16.97 -18.69
CA ASP A 263 -10.53 17.73 -19.68
C ASP A 263 -9.59 18.76 -19.06
N ALA A 264 -8.78 18.33 -18.09
CA ALA A 264 -7.83 19.19 -17.37
C ALA A 264 -8.40 20.57 -17.06
N THR A 265 -9.57 20.63 -16.41
CA THR A 265 -10.17 21.89 -16.04
C THR A 265 -10.97 21.72 -14.76
N CYS A 266 -10.95 22.77 -13.91
CA CYS A 266 -11.82 22.88 -12.75
C CYS A 266 -12.64 24.16 -12.88
N ARG A 267 -13.83 24.15 -12.28
CA ARG A 267 -14.76 25.26 -12.46
C ARG A 267 -15.47 25.57 -11.15
N LEU A 268 -15.96 26.80 -11.05
CA LEU A 268 -16.73 27.26 -9.90
C LEU A 268 -18.13 27.65 -10.35
N PHE A 269 -19.15 27.09 -9.69
CA PHE A 269 -20.54 27.41 -9.95
C PHE A 269 -21.18 28.02 -8.71
N ASP A 270 -22.03 29.01 -8.92
CA ASP A 270 -22.78 29.68 -7.87
C ASP A 270 -24.21 29.14 -7.83
N LEU A 271 -24.75 28.96 -6.62
CA LEU A 271 -26.11 28.46 -6.48
C LEU A 271 -27.14 29.53 -6.82
N ARG A 272 -26.98 30.72 -6.24
CA ARG A 272 -28.02 31.74 -6.38
C ARG A 272 -28.10 32.27 -7.81
N ALA A 273 -26.96 32.62 -8.40
CA ALA A 273 -26.88 32.97 -9.81
C ALA A 273 -26.15 31.83 -10.52
N ASP A 274 -26.84 31.16 -11.43
CA ASP A 274 -26.36 29.90 -11.98
C ASP A 274 -25.59 30.13 -13.29
N GLN A 275 -24.32 30.49 -13.12
CA GLN A 275 -23.41 30.65 -14.25
C GLN A 275 -22.05 30.09 -13.84
N GLU A 276 -21.04 30.36 -14.66
CA GLU A 276 -19.67 29.99 -14.39
C GLU A 276 -18.96 31.13 -13.68
N LEU A 277 -18.20 30.80 -12.64
CA LEU A 277 -17.51 31.79 -11.81
C LEU A 277 -16.01 31.82 -12.05
N MET A 278 -15.36 30.65 -12.08
CA MET A 278 -13.93 30.53 -12.19
C MET A 278 -13.52 29.29 -12.95
N THR A 279 -12.60 29.49 -13.91
CA THR A 279 -11.96 28.41 -14.65
C THR A 279 -10.52 28.30 -14.19
N TYR A 280 -10.13 27.10 -13.76
CA TYR A 280 -8.78 26.84 -13.27
C TYR A 280 -8.07 25.92 -14.27
N SER A 281 -7.48 26.52 -15.29
CA SER A 281 -6.84 25.79 -16.38
C SER A 281 -5.44 26.34 -16.62
N HIS A 282 -4.54 25.45 -17.02
CA HIS A 282 -3.17 25.81 -17.36
C HIS A 282 -2.71 24.95 -18.52
N ASP A 283 -2.08 25.59 -19.51
CA ASP A 283 -1.70 24.88 -20.73
C ASP A 283 -0.75 23.73 -20.46
N ASN A 284 0.19 23.92 -19.53
CA ASN A 284 1.15 22.86 -19.22
C ASN A 284 0.51 21.65 -18.56
N ILE A 285 -0.81 21.66 -18.35
CA ILE A 285 -1.54 20.51 -17.82
C ILE A 285 -2.48 20.04 -18.91
N ILE A 286 -2.33 18.77 -19.31
CA ILE A 286 -3.09 18.22 -20.44
C ILE A 286 -3.79 16.94 -20.00
N CYS A 287 -3.87 16.73 -18.69
CA CYS A 287 -4.46 15.52 -18.14
C CYS A 287 -5.46 15.91 -17.05
N GLY A 288 -6.49 15.06 -16.89
CA GLY A 288 -7.67 15.44 -16.15
C GLY A 288 -7.55 15.30 -14.64
N ILE A 289 -8.44 16.01 -13.94
CA ILE A 289 -8.50 16.09 -12.48
C ILE A 289 -9.19 14.88 -11.92
N THR A 290 -8.76 14.46 -10.72
CA THR A 290 -9.40 13.39 -9.99
C THR A 290 -10.14 13.84 -8.73
N SER A 291 -9.65 14.85 -8.03
CA SER A 291 -10.23 15.25 -6.76
C SER A 291 -10.13 16.77 -6.60
N VAL A 292 -11.06 17.33 -5.85
CA VAL A 292 -11.01 18.74 -5.45
C VAL A 292 -11.42 18.84 -3.99
N SER A 293 -10.95 19.89 -3.32
CA SER A 293 -11.37 20.19 -1.95
C SER A 293 -11.02 21.63 -1.63
N PHE A 294 -11.59 22.13 -0.52
CA PHE A 294 -11.49 23.53 -0.14
C PHE A 294 -10.75 23.67 1.18
N SER A 295 -10.61 24.92 1.62
CA SER A 295 -9.91 25.28 2.85
C SER A 295 -10.90 25.96 3.81
N LYS A 296 -10.51 25.98 5.09
CA LYS A 296 -11.44 26.42 6.14
C LYS A 296 -11.98 27.82 5.88
N SER A 297 -11.16 28.72 5.37
CA SER A 297 -11.63 30.05 4.99
C SER A 297 -12.10 30.12 3.55
N GLY A 298 -12.07 29.00 2.84
CA GLY A 298 -12.40 28.99 1.42
C GLY A 298 -11.47 29.84 0.59
N ARG A 299 -10.17 29.78 0.88
CA ARG A 299 -9.16 30.53 0.14
C ARG A 299 -8.23 29.66 -0.68
N LEU A 300 -8.07 28.40 -0.31
CA LEU A 300 -7.23 27.46 -1.05
C LEU A 300 -8.11 26.38 -1.65
N LEU A 301 -7.92 26.09 -2.93
CA LEU A 301 -8.55 24.96 -3.58
C LEU A 301 -7.47 23.94 -3.91
N LEU A 302 -7.59 22.75 -3.37
CA LEU A 302 -6.63 21.69 -3.60
C LEU A 302 -7.19 20.78 -4.69
N ALA A 303 -6.43 20.59 -5.76
CA ALA A 303 -6.86 19.76 -6.87
C ALA A 303 -5.86 18.64 -7.08
N GLY A 304 -6.35 17.41 -7.10
CA GLY A 304 -5.51 16.26 -7.36
C GLY A 304 -5.54 15.88 -8.83
N TYR A 305 -4.38 15.92 -9.48
CA TYR A 305 -4.28 15.64 -10.89
C TYR A 305 -3.72 14.25 -11.13
N ASP A 306 -3.64 13.86 -12.41
CA ASP A 306 -2.98 12.62 -12.81
C ASP A 306 -1.71 12.86 -13.60
N ASP A 307 -1.11 14.04 -13.50
CA ASP A 307 0.30 14.23 -13.86
C ASP A 307 1.20 13.97 -12.67
N PHE A 308 0.74 13.15 -11.74
CA PHE A 308 1.44 12.58 -10.58
C PHE A 308 1.51 13.51 -9.37
N ASN A 309 0.99 14.74 -9.42
CA ASN A 309 1.11 15.62 -8.27
C ASN A 309 -0.12 16.50 -8.12
N CYS A 310 -0.32 17.01 -6.90
CA CYS A 310 -1.44 17.88 -6.60
C CYS A 310 -1.09 19.34 -6.90
N ASN A 311 -2.09 20.20 -6.77
CA ASN A 311 -1.91 21.62 -7.02
C ASN A 311 -2.75 22.41 -6.03
N VAL A 312 -2.24 23.58 -5.67
CA VAL A 312 -2.89 24.49 -4.73
C VAL A 312 -3.23 25.76 -5.50
N TRP A 313 -4.49 26.14 -5.50
CA TRP A 313 -4.94 27.32 -6.23
C TRP A 313 -5.49 28.34 -5.25
N ASP A 314 -5.12 29.60 -5.45
CA ASP A 314 -5.73 30.71 -4.74
C ASP A 314 -7.14 30.85 -5.31
N ALA A 315 -8.13 30.40 -4.54
CA ALA A 315 -9.49 30.21 -5.05
C ALA A 315 -10.19 31.53 -5.36
N LEU A 316 -9.49 32.66 -5.23
CA LEU A 316 -10.06 33.94 -5.60
C LEU A 316 -9.37 34.60 -6.79
N LYS A 317 -8.21 34.11 -7.20
CA LYS A 317 -7.51 34.66 -8.35
C LYS A 317 -7.23 33.64 -9.45
N ALA A 318 -7.40 32.35 -9.17
CA ALA A 318 -7.21 31.22 -10.08
C ALA A 318 -5.75 30.89 -10.33
N ASP A 319 -4.81 31.66 -9.82
CA ASP A 319 -3.39 31.43 -10.03
C ASP A 319 -2.88 30.42 -9.00
N ARG A 320 -1.84 29.68 -9.37
CA ARG A 320 -1.27 28.70 -8.44
C ARG A 320 -0.57 29.41 -7.29
N ALA A 321 -0.48 28.70 -6.15
CA ALA A 321 0.23 29.19 -4.99
C ALA A 321 1.05 28.11 -4.31
N GLY A 322 1.15 26.93 -4.91
CA GLY A 322 1.92 25.85 -4.33
C GLY A 322 1.65 24.51 -4.98
N VAL A 323 2.60 23.59 -4.86
CA VAL A 323 2.51 22.24 -5.43
C VAL A 323 2.90 21.24 -4.35
N LEU A 324 2.11 20.19 -4.20
CA LEU A 324 2.43 19.10 -3.27
C LEU A 324 3.09 17.95 -4.02
N ALA A 325 4.25 18.23 -4.61
CA ALA A 325 4.95 17.24 -5.44
C ALA A 325 5.63 16.21 -4.55
N GLY A 326 4.95 15.11 -4.27
CA GLY A 326 5.54 14.10 -3.44
C GLY A 326 5.18 12.67 -3.77
N HIS A 327 4.51 12.45 -4.90
CA HIS A 327 3.96 11.13 -5.21
C HIS A 327 4.55 10.57 -6.49
N ASP A 328 4.53 9.23 -6.58
CA ASP A 328 5.08 8.52 -7.73
C ASP A 328 4.07 8.25 -8.82
N ASN A 329 2.77 8.37 -8.53
CA ASN A 329 1.73 7.99 -9.48
C ASN A 329 0.60 9.02 -9.40
N ARG A 330 -0.53 8.68 -9.99
CA ARG A 330 -1.67 9.58 -10.07
C ARG A 330 -2.32 9.78 -8.71
N VAL A 331 -2.83 10.99 -8.48
CA VAL A 331 -3.50 11.32 -7.23
C VAL A 331 -4.99 10.99 -7.36
N SER A 332 -5.51 10.24 -6.41
CA SER A 332 -6.93 9.88 -6.41
C SER A 332 -7.75 10.80 -5.51
N CYS A 333 -7.38 10.89 -4.24
CA CYS A 333 -8.23 11.41 -3.19
C CYS A 333 -7.47 12.46 -2.37
N LEU A 334 -8.23 13.28 -1.65
CA LEU A 334 -7.69 14.50 -1.07
C LEU A 334 -8.68 15.13 -0.08
N GLY A 335 -8.19 15.65 1.04
CA GLY A 335 -9.10 16.21 2.04
C GLY A 335 -8.44 17.19 2.97
N VAL A 336 -9.29 17.95 3.68
CA VAL A 336 -8.89 19.00 4.61
C VAL A 336 -9.69 18.84 5.91
N THR A 337 -9.03 19.07 7.04
CA THR A 337 -9.67 18.90 8.34
C THR A 337 -10.68 20.01 8.58
N ASP A 338 -11.50 19.82 9.62
CA ASP A 338 -12.54 20.80 9.94
C ASP A 338 -11.97 22.03 10.65
N ASP A 339 -10.97 21.84 11.50
CA ASP A 339 -10.30 22.95 12.16
C ASP A 339 -9.31 23.67 11.25
N GLY A 340 -9.04 23.13 10.06
CA GLY A 340 -8.10 23.72 9.14
C GLY A 340 -6.66 23.32 9.34
N MET A 341 -6.40 22.28 10.14
CA MET A 341 -5.03 21.99 10.55
C MET A 341 -4.15 21.56 9.38
N ALA A 342 -4.49 20.45 8.74
CA ALA A 342 -3.62 19.79 7.79
C ALA A 342 -4.38 19.53 6.49
N VAL A 343 -3.68 18.92 5.52
CA VAL A 343 -4.31 18.38 4.32
C VAL A 343 -3.76 16.99 4.08
N ALA A 344 -4.63 16.05 3.71
CA ALA A 344 -4.23 14.68 3.44
C ALA A 344 -4.42 14.36 1.97
N THR A 345 -3.52 13.51 1.46
CA THR A 345 -3.45 13.20 0.03
C THR A 345 -3.10 11.74 -0.18
N GLY A 346 -3.87 11.06 -1.04
CA GLY A 346 -3.61 9.69 -1.42
C GLY A 346 -3.35 9.59 -2.91
N SER A 347 -2.79 8.46 -3.32
CA SER A 347 -2.39 8.30 -4.72
C SER A 347 -2.32 6.82 -5.07
N TRP A 348 -1.88 6.56 -6.30
CA TRP A 348 -1.85 5.21 -6.85
C TRP A 348 -0.60 4.45 -6.45
N ASP A 349 0.32 5.09 -5.73
CA ASP A 349 1.49 4.41 -5.18
C ASP A 349 1.25 3.85 -3.79
N SER A 350 0.05 4.07 -3.23
CA SER A 350 -0.37 3.53 -1.93
C SER A 350 0.34 4.18 -0.75
N PHE A 351 0.51 5.51 -0.79
CA PHE A 351 1.09 6.29 0.31
C PHE A 351 0.21 7.50 0.58
N LEU A 352 -0.19 7.69 1.84
CA LEU A 352 -0.91 8.89 2.23
C LEU A 352 0.04 9.91 2.83
N LYS A 353 -0.26 11.19 2.63
CA LYS A 353 0.63 12.24 3.08
C LYS A 353 -0.17 13.34 3.77
N ILE A 354 0.30 13.74 4.95
CA ILE A 354 -0.25 14.87 5.69
C ILE A 354 0.69 16.05 5.54
N TRP A 355 0.14 17.19 5.15
CA TRP A 355 0.90 18.42 4.95
C TRP A 355 0.36 19.52 5.84
N ASN A 356 1.27 20.35 6.35
CA ASN A 356 0.89 21.52 7.14
C ASN A 356 1.50 22.81 6.60
N THR B 6 -46.72 4.81 -27.48
CA THR B 6 -46.73 6.26 -27.50
C THR B 6 -46.11 6.85 -26.23
N ALA B 7 -45.32 6.02 -25.53
CA ALA B 7 -44.67 6.48 -24.32
C ALA B 7 -43.58 7.51 -24.60
N SER B 8 -43.17 7.65 -25.87
CA SER B 8 -42.18 8.67 -26.22
C SER B 8 -42.74 10.06 -25.97
N ILE B 9 -44.01 10.30 -26.33
CA ILE B 9 -44.62 11.59 -26.04
C ILE B 9 -44.76 11.78 -24.53
N ALA B 10 -44.92 10.69 -23.77
CA ALA B 10 -44.94 10.81 -22.32
C ALA B 10 -43.58 11.22 -21.76
N GLN B 11 -42.50 10.68 -22.32
CA GLN B 11 -41.16 11.10 -21.91
C GLN B 11 -40.91 12.56 -22.29
N ALA B 12 -41.36 12.96 -23.48
CA ALA B 12 -41.27 14.37 -23.85
C ALA B 12 -42.09 15.25 -22.91
N ARG B 13 -43.25 14.76 -22.46
CA ARG B 13 -44.04 15.47 -21.47
C ARG B 13 -43.26 15.62 -20.17
N LYS B 14 -42.59 14.55 -19.74
CA LYS B 14 -41.76 14.63 -18.55
C LYS B 14 -40.66 15.67 -18.69
N LEU B 15 -40.00 15.70 -19.86
CA LEU B 15 -38.91 16.65 -20.05
C LEU B 15 -39.41 18.09 -20.10
N VAL B 16 -40.53 18.32 -20.79
CA VAL B 16 -41.05 19.69 -20.85
C VAL B 16 -41.60 20.13 -19.50
N GLU B 17 -42.15 19.19 -18.72
CA GLU B 17 -42.55 19.51 -17.35
C GLU B 17 -41.34 19.84 -16.50
N GLN B 18 -40.22 19.13 -16.71
CA GLN B 18 -38.99 19.46 -16.01
C GLN B 18 -38.51 20.86 -16.39
N LEU B 19 -38.72 21.25 -17.64
CA LEU B 19 -38.32 22.59 -18.07
C LEU B 19 -39.21 23.67 -17.47
N LYS B 20 -40.53 23.46 -17.48
CA LYS B 20 -41.44 24.30 -16.70
C LYS B 20 -40.99 24.38 -15.25
N MET B 21 -40.50 23.26 -14.72
CA MET B 21 -40.20 23.10 -13.31
C MET B 21 -38.91 23.82 -12.92
N GLU B 22 -37.95 23.86 -13.84
CA GLU B 22 -36.69 24.56 -13.62
C GLU B 22 -36.69 26.00 -14.13
N ALA B 23 -37.72 26.41 -14.84
CA ALA B 23 -37.81 27.77 -15.38
C ALA B 23 -38.58 28.72 -14.47
N ASN B 24 -38.67 28.39 -13.18
CA ASN B 24 -39.47 29.15 -12.23
C ASN B 24 -38.64 29.59 -11.03
N ILE B 25 -37.46 30.17 -11.28
CA ILE B 25 -36.55 30.59 -10.23
C ILE B 25 -36.09 32.02 -10.51
N ASP B 26 -35.65 32.69 -9.45
CA ASP B 26 -35.13 34.05 -9.51
C ASP B 26 -33.64 34.05 -9.24
N ARG B 27 -32.94 34.98 -9.90
CA ARG B 27 -31.49 35.02 -9.89
C ARG B 27 -31.01 36.33 -9.28
N ILE B 28 -29.70 36.36 -8.98
CA ILE B 28 -29.04 37.55 -8.47
C ILE B 28 -27.90 37.91 -9.42
N LYS B 29 -27.28 39.06 -9.17
CA LYS B 29 -26.10 39.44 -9.93
C LYS B 29 -24.89 38.62 -9.48
N VAL B 30 -24.01 38.33 -10.44
CA VAL B 30 -22.82 37.56 -10.14
C VAL B 30 -21.89 38.32 -9.20
N SER B 31 -21.77 39.64 -9.41
CA SER B 31 -20.88 40.44 -8.57
C SER B 31 -21.26 40.36 -7.10
N LYS B 32 -22.56 40.25 -6.81
CA LYS B 32 -22.98 40.10 -5.42
C LYS B 32 -22.49 38.78 -4.82
N ALA B 33 -22.57 37.70 -5.60
CA ALA B 33 -22.06 36.42 -5.12
C ALA B 33 -20.55 36.47 -4.91
N ALA B 34 -19.84 37.13 -5.82
CA ALA B 34 -18.38 37.27 -5.65
C ALA B 34 -18.06 38.08 -4.40
N ALA B 35 -18.83 39.14 -4.15
CA ALA B 35 -18.61 39.94 -2.94
C ALA B 35 -18.90 39.13 -1.68
N ASP B 36 -19.94 38.30 -1.70
CA ASP B 36 -20.23 37.46 -0.55
C ASP B 36 -19.11 36.45 -0.31
N LEU B 37 -18.58 35.88 -1.40
CA LEU B 37 -17.44 34.97 -1.27
C LEU B 37 -16.25 35.68 -0.65
N MET B 38 -15.93 36.88 -1.14
CA MET B 38 -14.83 37.66 -0.57
C MET B 38 -15.06 37.95 0.90
N ALA B 39 -16.29 38.33 1.28
CA ALA B 39 -16.56 38.66 2.66
C ALA B 39 -16.41 37.46 3.58
N TYR B 40 -16.92 36.30 3.17
CA TYR B 40 -16.76 35.11 3.99
C TYR B 40 -15.29 34.72 4.11
N CYS B 41 -14.52 34.90 3.04
CA CYS B 41 -13.10 34.61 3.11
C CYS B 41 -12.38 35.57 4.05
N GLU B 42 -12.75 36.85 4.01
CA GLU B 42 -12.09 37.87 4.81
C GLU B 42 -12.42 37.71 6.30
N ALA B 43 -13.64 37.29 6.62
CA ALA B 43 -14.03 37.16 8.02
C ALA B 43 -13.24 36.05 8.72
N HIS B 44 -13.07 34.91 8.05
CA HIS B 44 -12.46 33.74 8.67
C HIS B 44 -10.97 33.63 8.37
N ALA B 45 -10.29 34.74 8.10
CA ALA B 45 -8.89 34.69 7.71
C ALA B 45 -7.97 34.23 8.83
N LYS B 46 -8.43 34.23 10.08
CA LYS B 46 -7.55 34.01 11.22
C LYS B 46 -7.63 32.61 11.81
N GLU B 47 -8.66 31.84 11.48
CA GLU B 47 -8.89 30.55 12.13
C GLU B 47 -8.36 29.38 11.31
N ASP B 48 -7.76 29.61 10.15
CA ASP B 48 -7.29 28.53 9.31
C ASP B 48 -5.77 28.43 9.35
N PRO B 49 -5.24 27.34 9.87
CA PRO B 49 -3.78 27.23 10.06
C PRO B 49 -2.97 27.01 8.79
N LEU B 50 -3.57 27.19 7.62
CA LEU B 50 -2.88 26.92 6.37
C LEU B 50 -2.62 28.18 5.56
N LEU B 51 -3.56 29.13 5.53
CA LEU B 51 -3.40 30.32 4.70
C LEU B 51 -2.34 31.25 5.28
N THR B 52 -2.59 31.76 6.49
CA THR B 52 -1.61 32.57 7.18
C THR B 52 -0.49 31.66 7.67
N PRO B 53 0.79 31.98 7.40
CA PRO B 53 1.88 31.12 7.89
C PRO B 53 1.76 30.86 9.38
N VAL B 54 1.45 29.61 9.74
CA VAL B 54 1.16 29.30 11.14
C VAL B 54 2.45 29.30 11.94
N PRO B 55 2.48 29.89 13.13
CA PRO B 55 3.65 29.74 14.00
C PRO B 55 3.86 28.28 14.37
N ALA B 56 5.12 27.90 14.54
CA ALA B 56 5.46 26.51 14.82
C ALA B 56 5.38 26.22 16.31
N SER B 57 4.60 27.02 17.04
CA SER B 57 4.49 26.93 18.49
C SER B 57 3.38 26.00 18.95
N GLU B 58 2.24 25.99 18.26
CA GLU B 58 1.05 25.29 18.74
C GLU B 58 0.51 24.28 17.73
N ASN B 59 1.29 23.90 16.72
CA ASN B 59 0.64 22.87 15.92
C ASN B 59 1.06 21.48 16.37
N PRO B 60 0.15 20.49 16.31
CA PRO B 60 0.40 19.20 16.95
C PRO B 60 1.01 18.13 16.04
N PHE B 61 1.44 18.48 14.83
CA PHE B 61 2.02 17.49 13.94
C PHE B 61 3.54 17.54 13.91
N ARG B 62 4.14 18.63 14.36
CA ARG B 62 5.59 18.78 14.42
C ARG B 62 6.24 17.68 15.26
N GLY C 2 9.76 5.21 24.18
CA GLY C 2 9.53 4.47 25.41
C GLY C 2 9.47 5.35 26.64
N CYS C 3 10.55 6.13 26.86
CA CYS C 3 10.61 6.99 28.03
C CYS C 3 9.67 8.18 27.89
N THR C 4 9.63 8.81 26.73
CA THR C 4 8.79 9.98 26.52
C THR C 4 7.30 9.65 26.52
N LEU C 5 6.94 8.42 26.18
CA LEU C 5 5.54 8.02 26.05
C LEU C 5 4.94 7.73 27.43
N SER C 6 3.63 7.55 27.44
CA SER C 6 2.90 7.22 28.64
C SER C 6 2.39 5.78 28.56
N ALA C 7 1.94 5.25 29.69
CA ALA C 7 1.46 3.87 29.73
C ALA C 7 0.24 3.64 28.85
N GLU C 8 -0.48 4.71 28.51
CA GLU C 8 -1.61 4.65 27.59
C GLU C 8 -1.29 5.38 26.29
N ASP C 9 -0.04 5.31 25.88
CA ASP C 9 0.32 5.56 24.49
C ASP C 9 1.37 4.55 24.06
N LYS C 10 1.71 3.59 24.92
CA LYS C 10 2.59 2.49 24.58
C LYS C 10 1.85 1.20 24.28
N ALA C 11 0.51 1.21 24.34
CA ALA C 11 -0.27 0.10 23.82
C ALA C 11 -0.91 0.43 22.49
N ALA C 12 -1.10 1.73 22.22
CA ALA C 12 -1.54 2.16 20.90
C ALA C 12 -0.50 1.81 19.84
N VAL C 13 0.77 2.02 20.15
CA VAL C 13 1.84 1.70 19.21
C VAL C 13 1.88 0.21 18.92
N GLU C 14 1.79 -0.61 19.95
CA GLU C 14 1.81 -2.05 19.76
C GLU C 14 0.61 -2.51 18.93
N ARG C 15 -0.57 -1.94 19.20
CA ARG C 15 -1.74 -2.27 18.40
C ARG C 15 -1.54 -1.91 16.94
N SER C 16 -0.96 -0.75 16.67
CA SER C 16 -0.69 -0.35 15.30
C SER C 16 0.31 -1.30 14.63
N LYS C 17 1.31 -1.76 15.38
CA LYS C 17 2.25 -2.74 14.82
C LYS C 17 1.57 -4.06 14.47
N MET C 18 0.63 -4.50 15.30
CA MET C 18 -0.11 -5.72 14.95
C MET C 18 -0.95 -5.51 13.70
N ILE C 19 -1.58 -4.34 13.56
CA ILE C 19 -2.31 -4.02 12.34
C ILE C 19 -1.39 -4.13 11.13
N ASP C 20 -0.19 -3.54 11.24
CA ASP C 20 0.76 -3.56 10.12
C ASP C 20 1.17 -4.97 9.76
N ARG C 21 1.44 -5.80 10.77
CA ARG C 21 1.84 -7.17 10.50
C ARG C 21 0.74 -7.93 9.77
N ASN C 22 -0.51 -7.78 10.21
CA ASN C 22 -1.60 -8.47 9.52
C ASN C 22 -1.74 -8.01 8.09
N LEU C 23 -1.67 -6.69 7.85
CA LEU C 23 -1.76 -6.17 6.49
C LEU C 23 -0.67 -6.75 5.60
N ARG C 24 0.56 -6.82 6.11
CA ARG C 24 1.65 -7.30 5.27
C ARG C 24 1.53 -8.80 5.00
N GLU C 25 1.16 -9.59 6.01
CA GLU C 25 1.02 -11.04 5.77
C GLU C 25 -0.14 -11.35 4.85
N ASP C 26 -1.18 -10.52 4.82
CA ASP C 26 -2.32 -10.81 3.95
C ASP C 26 -2.13 -10.31 2.53
N GLY C 27 -1.18 -9.41 2.28
CA GLY C 27 -0.96 -8.90 0.94
C GLY C 27 0.01 -9.75 0.13
N GLU C 28 0.40 -10.90 0.68
CA GLU C 28 1.23 -11.86 -0.03
C GLU C 28 0.42 -12.98 -0.68
N LYS C 29 -0.86 -13.13 -0.33
CA LYS C 29 -1.75 -14.06 -0.98
C LYS C 29 -2.48 -13.45 -2.17
N ALA C 30 -2.17 -12.19 -2.51
CA ALA C 30 -2.74 -11.52 -3.66
C ALA C 30 -1.74 -11.28 -4.77
N ALA C 31 -0.45 -11.46 -4.50
CA ALA C 31 0.59 -11.34 -5.51
C ALA C 31 1.12 -12.69 -5.94
N ARG C 32 0.36 -13.77 -5.76
CA ARG C 32 0.73 -15.10 -6.24
C ARG C 32 -0.43 -15.75 -6.99
N GLU C 33 -1.59 -15.12 -6.97
CA GLU C 33 -2.76 -15.59 -7.70
C GLU C 33 -2.74 -15.03 -9.12
N VAL C 34 -3.41 -15.73 -10.03
CA VAL C 34 -3.50 -15.29 -11.41
C VAL C 34 -4.85 -14.64 -11.61
N LYS C 35 -4.87 -13.50 -12.28
CA LYS C 35 -6.10 -12.77 -12.59
C LYS C 35 -6.35 -12.84 -14.09
N LEU C 36 -7.57 -13.21 -14.47
CA LEU C 36 -7.95 -13.31 -15.87
C LEU C 36 -9.28 -12.61 -16.08
N LEU C 37 -9.36 -11.76 -17.09
CA LEU C 37 -10.58 -10.99 -17.35
C LEU C 37 -11.29 -11.59 -18.56
N LEU C 38 -12.55 -12.03 -18.35
CA LEU C 38 -13.32 -12.71 -19.38
C LEU C 38 -14.17 -11.71 -20.16
N LEU C 39 -14.18 -11.85 -21.48
CA LEU C 39 -14.95 -10.97 -22.35
C LEU C 39 -15.52 -11.75 -23.53
N GLY C 40 -16.54 -11.18 -24.14
CA GLY C 40 -17.23 -11.78 -25.26
C GLY C 40 -18.24 -10.82 -25.86
N ALA C 41 -18.83 -11.16 -26.99
CA ALA C 41 -19.75 -10.25 -27.69
C ALA C 41 -21.17 -10.79 -27.59
N GLY C 42 -21.88 -10.39 -26.54
CA GLY C 42 -23.24 -10.84 -26.32
C GLY C 42 -23.32 -12.35 -26.15
N GLU C 43 -24.13 -13.01 -26.98
CA GLU C 43 -24.22 -14.47 -26.97
C GLU C 43 -23.08 -15.00 -27.84
N SER C 44 -21.87 -14.86 -27.31
CA SER C 44 -20.65 -15.36 -27.95
C SER C 44 -20.14 -16.61 -27.24
N GLY C 45 -20.97 -17.25 -26.44
CA GLY C 45 -20.56 -18.45 -25.73
C GLY C 45 -19.79 -18.21 -24.46
N LYS C 46 -19.80 -16.98 -23.91
CA LYS C 46 -19.12 -16.73 -22.65
C LYS C 46 -19.56 -17.74 -21.60
N ASN C 47 -20.87 -17.91 -21.44
CA ASN C 47 -21.41 -18.94 -20.56
C ASN C 47 -20.89 -20.33 -20.96
N THR C 48 -20.75 -20.57 -22.26
CA THR C 48 -20.32 -21.89 -22.73
C THR C 48 -18.93 -22.23 -22.19
N ILE C 49 -17.96 -21.34 -22.38
CA ILE C 49 -16.62 -21.57 -21.86
C ILE C 49 -16.59 -21.56 -20.34
N VAL C 50 -17.43 -20.73 -19.72
CA VAL C 50 -17.50 -20.75 -18.25
C VAL C 50 -17.91 -22.13 -17.76
N LYS C 51 -18.89 -22.75 -18.41
CA LYS C 51 -19.31 -24.09 -18.05
C LYS C 51 -18.33 -25.17 -18.49
N GLN C 52 -17.53 -24.92 -19.54
CA GLN C 52 -16.56 -25.92 -19.99
C GLN C 52 -15.56 -26.25 -18.90
N MET C 53 -15.07 -25.23 -18.19
CA MET C 53 -14.18 -25.43 -17.06
C MET C 53 -14.91 -26.21 -15.97
N GLY C 183 -23.23 -6.94 -10.94
CA GLY C 183 -22.17 -6.01 -11.28
C GLY C 183 -20.90 -6.71 -11.74
N ILE C 184 -20.30 -7.48 -10.84
CA ILE C 184 -19.11 -8.27 -11.13
C ILE C 184 -19.41 -9.70 -10.74
N VAL C 185 -18.92 -10.65 -11.52
CA VAL C 185 -19.08 -12.06 -11.21
C VAL C 185 -17.69 -12.67 -11.09
N GLU C 186 -17.34 -13.07 -9.87
CA GLU C 186 -16.07 -13.73 -9.59
C GLU C 186 -16.19 -15.21 -9.94
N THR C 187 -15.06 -15.82 -10.31
CA THR C 187 -15.04 -17.25 -10.54
C THR C 187 -13.69 -17.81 -10.10
N HIS C 188 -13.73 -19.00 -9.49
CA HIS C 188 -12.57 -19.60 -8.84
C HIS C 188 -12.30 -20.96 -9.43
N PHE C 189 -11.04 -21.20 -9.82
CA PHE C 189 -10.62 -22.56 -10.16
C PHE C 189 -9.12 -22.68 -9.94
N THR C 190 -8.68 -23.93 -9.83
CA THR C 190 -7.28 -24.25 -9.57
C THR C 190 -6.82 -25.29 -10.57
N PHE C 191 -5.71 -24.99 -11.26
CA PHE C 191 -5.15 -25.90 -12.24
C PHE C 191 -3.66 -26.05 -11.94
N LYS C 192 -3.24 -27.27 -11.61
CA LYS C 192 -1.84 -27.57 -11.35
C LYS C 192 -1.26 -26.67 -10.25
N ASP C 193 -1.90 -26.70 -9.09
CA ASP C 193 -1.43 -25.98 -7.90
C ASP C 193 -1.26 -24.49 -8.17
N LEU C 194 -2.16 -23.92 -8.96
CA LEU C 194 -2.03 -22.53 -9.38
C LEU C 194 -3.43 -21.94 -9.51
N HIS C 195 -3.74 -20.94 -8.68
CA HIS C 195 -5.10 -20.47 -8.47
C HIS C 195 -5.41 -19.32 -9.43
N PHE C 196 -6.50 -19.45 -10.18
CA PHE C 196 -6.96 -18.42 -11.10
C PHE C 196 -8.20 -17.72 -10.56
N LYS C 197 -8.37 -16.47 -10.95
CA LYS C 197 -9.52 -15.67 -10.58
C LYS C 197 -10.07 -15.06 -11.86
N MET C 198 -11.25 -15.51 -12.28
CA MET C 198 -11.85 -15.05 -13.53
C MET C 198 -12.90 -14.00 -13.22
N PHE C 199 -12.78 -12.83 -13.83
CA PHE C 199 -13.73 -11.75 -13.61
C PHE C 199 -14.63 -11.64 -14.83
N ASP C 200 -15.93 -11.81 -14.62
CA ASP C 200 -16.94 -11.67 -15.67
C ASP C 200 -17.72 -10.39 -15.40
N VAL C 201 -17.64 -9.45 -16.33
CA VAL C 201 -18.18 -8.11 -16.13
C VAL C 201 -19.25 -7.85 -17.20
N GLY C 202 -19.96 -8.90 -17.61
CA GLY C 202 -20.90 -8.77 -18.71
C GLY C 202 -22.18 -8.05 -18.38
N ALA C 203 -22.54 -7.95 -17.10
CA ALA C 203 -23.81 -7.38 -16.69
C ALA C 203 -23.72 -5.91 -16.29
N GLN C 204 -22.59 -5.24 -16.60
CA GLN C 204 -22.45 -3.85 -16.20
C GLN C 204 -23.33 -2.93 -17.04
N ARG C 205 -23.44 -3.21 -18.34
CA ARG C 205 -24.24 -2.44 -19.30
C ARG C 205 -24.03 -0.93 -19.18
N SER C 206 -22.85 -0.52 -18.73
CA SER C 206 -22.53 0.90 -18.59
C SER C 206 -21.27 1.25 -19.36
N GLU C 207 -20.79 2.48 -19.20
CA GLU C 207 -19.56 2.88 -19.89
C GLU C 207 -18.40 2.00 -19.45
N ARG C 208 -17.54 1.66 -20.41
CA ARG C 208 -16.37 0.85 -20.12
C ARG C 208 -15.18 1.69 -19.69
N LYS C 209 -15.08 2.93 -20.18
CA LYS C 209 -13.91 3.74 -19.88
C LYS C 209 -13.87 4.24 -18.45
N LYS C 210 -14.96 4.09 -17.69
CA LYS C 210 -15.01 4.58 -16.31
C LYS C 210 -14.63 3.53 -15.28
N TRP C 211 -14.47 2.28 -15.67
CA TRP C 211 -14.06 1.24 -14.75
C TRP C 211 -13.07 0.23 -15.33
N ILE C 212 -12.62 0.42 -16.57
CA ILE C 212 -11.76 -0.57 -17.19
C ILE C 212 -10.37 -0.56 -16.54
N HIS C 213 -9.86 0.61 -16.20
CA HIS C 213 -8.51 0.72 -15.64
C HIS C 213 -8.36 0.02 -14.30
N CYS C 214 -9.47 -0.34 -13.65
CA CYS C 214 -9.40 -1.13 -12.43
C CYS C 214 -8.85 -2.52 -12.68
N PHE C 215 -8.75 -2.94 -13.94
CA PHE C 215 -8.20 -4.24 -14.30
C PHE C 215 -6.85 -4.13 -14.98
N GLU C 216 -6.12 -3.04 -14.73
CA GLU C 216 -4.88 -2.77 -15.44
C GLU C 216 -3.83 -3.84 -15.18
N GLY C 217 -3.68 -4.26 -13.92
CA GLY C 217 -2.63 -5.20 -13.60
C GLY C 217 -3.05 -6.65 -13.68
N VAL C 218 -3.76 -7.00 -14.73
CA VAL C 218 -4.29 -8.35 -14.89
C VAL C 218 -3.32 -9.17 -15.74
N THR C 219 -3.30 -10.48 -15.53
CA THR C 219 -2.38 -11.32 -16.28
C THR C 219 -2.78 -11.42 -17.75
N ALA C 220 -4.06 -11.70 -18.02
CA ALA C 220 -4.47 -11.92 -19.40
C ALA C 220 -5.96 -11.65 -19.57
N ILE C 221 -6.34 -11.47 -20.83
CA ILE C 221 -7.74 -11.26 -21.22
C ILE C 221 -8.19 -12.44 -22.07
N ILE C 222 -9.21 -13.15 -21.59
CA ILE C 222 -9.83 -14.23 -22.36
C ILE C 222 -10.96 -13.61 -23.18
N PHE C 223 -11.04 -13.99 -24.46
CA PHE C 223 -12.02 -13.39 -25.37
C PHE C 223 -12.68 -14.53 -26.13
N CYS C 224 -13.98 -14.74 -25.89
CA CYS C 224 -14.70 -15.87 -26.44
C CYS C 224 -15.66 -15.40 -27.53
N VAL C 225 -15.67 -16.10 -28.67
CA VAL C 225 -16.58 -15.76 -29.76
C VAL C 225 -16.92 -17.00 -30.55
N ALA C 226 -18.17 -17.10 -31.00
CA ALA C 226 -18.64 -18.24 -31.77
C ALA C 226 -18.55 -17.93 -33.25
N LEU C 227 -17.92 -18.82 -34.01
CA LEU C 227 -17.71 -18.59 -35.43
C LEU C 227 -18.80 -19.19 -36.31
N SER C 228 -19.75 -19.93 -35.74
CA SER C 228 -20.86 -20.48 -36.50
C SER C 228 -21.97 -19.48 -36.72
N ASP C 229 -21.65 -18.19 -36.59
CA ASP C 229 -22.65 -17.16 -36.44
C ASP C 229 -22.28 -15.98 -37.35
N TYR C 230 -21.95 -16.28 -38.60
CA TYR C 230 -21.59 -15.25 -39.57
C TYR C 230 -22.80 -14.74 -40.35
N ASP C 231 -23.76 -15.63 -40.65
CA ASP C 231 -24.97 -15.20 -41.31
C ASP C 231 -26.06 -14.85 -40.31
N LEU C 232 -26.05 -15.51 -39.14
CA LEU C 232 -26.95 -15.12 -38.07
C LEU C 232 -26.61 -13.69 -37.63
N VAL C 233 -27.55 -12.78 -37.84
CA VAL C 233 -27.33 -11.38 -37.58
C VAL C 233 -27.86 -11.04 -36.19
N LEU C 234 -27.43 -9.88 -35.68
CA LEU C 234 -27.85 -9.44 -34.36
C LEU C 234 -29.33 -9.08 -34.37
N ALA C 235 -29.94 -9.13 -33.18
CA ALA C 235 -31.33 -8.70 -33.05
C ALA C 235 -31.48 -7.19 -33.24
N GLU C 236 -30.38 -6.45 -33.26
CA GLU C 236 -30.44 -5.00 -33.46
C GLU C 236 -30.63 -4.64 -34.92
N ASP C 237 -29.76 -5.14 -35.80
CA ASP C 237 -29.80 -4.79 -37.22
C ASP C 237 -29.92 -6.06 -38.04
N GLU C 238 -30.82 -6.03 -39.03
CA GLU C 238 -30.94 -7.16 -39.94
C GLU C 238 -29.72 -7.29 -40.83
N GLU C 239 -29.18 -6.16 -41.30
CA GLU C 239 -28.06 -6.21 -42.24
C GLU C 239 -26.76 -6.61 -41.54
N MET C 240 -26.43 -5.94 -40.44
CA MET C 240 -25.18 -6.22 -39.74
C MET C 240 -25.27 -7.55 -39.01
N ASN C 241 -24.26 -8.38 -39.18
CA ASN C 241 -24.16 -9.65 -38.49
C ASN C 241 -23.27 -9.52 -37.26
N ARG C 242 -23.17 -10.61 -36.50
CA ARG C 242 -22.49 -10.57 -35.22
C ARG C 242 -20.99 -10.80 -35.33
N MET C 243 -20.53 -11.40 -36.43
CA MET C 243 -19.10 -11.56 -36.63
C MET C 243 -18.39 -10.21 -36.71
N HIS C 244 -18.98 -9.26 -37.45
CA HIS C 244 -18.36 -7.95 -37.57
C HIS C 244 -18.39 -7.20 -36.23
N ALA C 245 -19.48 -7.32 -35.48
CA ALA C 245 -19.56 -6.68 -34.18
C ALA C 245 -18.51 -7.25 -33.23
N SER C 246 -18.36 -8.57 -33.20
CA SER C 246 -17.35 -9.17 -32.33
C SER C 246 -15.94 -8.83 -32.78
N MET C 247 -15.71 -8.70 -34.09
CA MET C 247 -14.41 -8.26 -34.58
C MET C 247 -14.10 -6.85 -34.11
N LYS C 248 -15.10 -5.96 -34.16
CA LYS C 248 -14.90 -4.61 -33.65
C LYS C 248 -14.62 -4.62 -32.15
N LEU C 249 -15.30 -5.49 -31.41
CA LEU C 249 -15.03 -5.62 -29.97
C LEU C 249 -13.59 -6.06 -29.71
N PHE C 250 -13.13 -7.10 -30.42
CA PHE C 250 -11.77 -7.58 -30.24
C PHE C 250 -10.75 -6.51 -30.60
N ASP C 251 -11.03 -5.74 -31.66
CA ASP C 251 -10.15 -4.64 -32.02
C ASP C 251 -10.12 -3.58 -30.92
N SER C 252 -11.29 -3.27 -30.34
CA SER C 252 -11.37 -2.22 -29.34
C SER C 252 -10.67 -2.61 -28.05
N ILE C 253 -10.66 -3.89 -27.71
CA ILE C 253 -10.00 -4.31 -26.47
C ILE C 253 -8.50 -4.51 -26.68
N CYS C 254 -8.02 -4.50 -27.92
CA CYS C 254 -6.63 -4.81 -28.21
C CYS C 254 -5.74 -3.58 -28.36
N ASN C 255 -6.28 -2.38 -28.17
CA ASN C 255 -5.46 -1.17 -28.32
C ASN C 255 -5.76 -0.12 -27.26
N ASN C 256 -6.44 -0.49 -26.17
CA ASN C 256 -6.61 0.44 -25.06
C ASN C 256 -5.27 0.69 -24.38
N LYS C 257 -5.08 1.92 -23.90
CA LYS C 257 -3.79 2.29 -23.31
C LYS C 257 -3.47 1.50 -22.06
N TRP C 258 -4.47 0.91 -21.40
CA TRP C 258 -4.22 0.18 -20.16
C TRP C 258 -3.79 -1.26 -20.40
N PHE C 259 -3.83 -1.73 -21.65
CA PHE C 259 -3.50 -3.11 -22.01
C PHE C 259 -2.41 -3.13 -23.07
N THR C 260 -1.35 -2.36 -22.85
CA THR C 260 -0.25 -2.32 -23.80
C THR C 260 0.55 -3.61 -23.83
N ASP C 261 0.78 -4.24 -22.68
CA ASP C 261 1.57 -5.45 -22.60
C ASP C 261 0.73 -6.61 -22.07
N THR C 262 -0.56 -6.60 -22.36
CA THR C 262 -1.48 -7.59 -21.80
C THR C 262 -1.92 -8.55 -22.89
N SER C 263 -1.61 -9.83 -22.71
CA SER C 263 -1.88 -10.85 -23.71
C SER C 263 -3.35 -11.26 -23.72
N ILE C 264 -3.80 -11.69 -24.90
CA ILE C 264 -5.20 -12.01 -25.16
C ILE C 264 -5.28 -13.46 -25.63
N ILE C 265 -6.09 -14.25 -24.96
CA ILE C 265 -6.33 -15.65 -25.33
C ILE C 265 -7.67 -15.73 -26.05
N LEU C 266 -7.64 -16.22 -27.29
CA LEU C 266 -8.79 -16.16 -28.18
C LEU C 266 -9.44 -17.53 -28.30
N PHE C 267 -10.76 -17.57 -28.15
CA PHE C 267 -11.52 -18.81 -28.26
C PHE C 267 -12.53 -18.70 -29.40
N LEU C 268 -12.48 -19.65 -30.32
CA LEU C 268 -13.42 -19.75 -31.43
C LEU C 268 -14.35 -20.93 -31.15
N ASN C 269 -15.66 -20.67 -31.22
CA ASN C 269 -16.67 -21.57 -30.66
C ASN C 269 -17.62 -22.08 -31.72
N LYS C 270 -18.32 -23.17 -31.36
CA LYS C 270 -19.37 -23.77 -32.17
C LYS C 270 -18.87 -24.11 -33.57
N LYS C 271 -17.72 -24.79 -33.62
CA LYS C 271 -17.17 -25.26 -34.88
C LYS C 271 -17.98 -26.42 -35.46
N ASP C 272 -18.71 -27.16 -34.62
CA ASP C 272 -19.56 -28.25 -35.09
C ASP C 272 -20.66 -27.73 -36.00
N LEU C 273 -21.41 -26.73 -35.54
CA LEU C 273 -22.49 -26.19 -36.35
C LEU C 273 -21.96 -25.47 -37.58
N PHE C 274 -20.73 -24.98 -37.52
CA PHE C 274 -20.19 -24.15 -38.60
C PHE C 274 -19.93 -24.97 -39.86
N GLU C 275 -19.41 -26.19 -39.73
CA GLU C 275 -19.11 -26.97 -40.92
C GLU C 275 -20.40 -27.37 -41.66
N GLU C 276 -21.50 -27.55 -40.94
CA GLU C 276 -22.80 -27.70 -41.60
C GLU C 276 -23.27 -26.38 -42.22
N LYS C 277 -23.17 -25.27 -41.48
CA LYS C 277 -23.75 -24.02 -41.96
C LYS C 277 -23.02 -23.50 -43.20
N ILE C 278 -21.71 -23.69 -43.27
CA ILE C 278 -20.92 -23.08 -44.33
C ILE C 278 -21.21 -23.74 -45.67
N LYS C 279 -21.53 -25.05 -45.67
CA LYS C 279 -21.78 -25.74 -46.93
C LYS C 279 -23.09 -25.32 -47.55
N LYS C 280 -24.09 -24.96 -46.74
CA LYS C 280 -25.37 -24.55 -47.29
C LYS C 280 -25.28 -23.17 -47.93
N SER C 281 -24.64 -22.21 -47.26
CA SER C 281 -24.53 -20.86 -47.76
C SER C 281 -23.08 -20.41 -47.72
N PRO C 282 -22.59 -19.79 -48.79
CA PRO C 282 -21.20 -19.33 -48.80
C PRO C 282 -20.98 -18.18 -47.81
N LEU C 283 -19.75 -18.08 -47.32
CA LEU C 283 -19.37 -16.98 -46.45
C LEU C 283 -19.03 -15.72 -47.23
N THR C 284 -19.19 -15.73 -48.56
CA THR C 284 -19.04 -14.51 -49.34
C THR C 284 -20.03 -13.44 -48.91
N ILE C 285 -21.16 -13.86 -48.32
CA ILE C 285 -22.14 -12.90 -47.82
C ILE C 285 -21.51 -12.01 -46.76
N CYS C 286 -20.78 -12.62 -45.82
CA CYS C 286 -20.05 -11.87 -44.82
C CYS C 286 -18.68 -11.42 -45.31
N TYR C 287 -18.17 -12.02 -46.39
CA TYR C 287 -16.83 -11.77 -46.88
C TYR C 287 -16.87 -11.51 -48.38
N PRO C 288 -17.31 -10.30 -48.79
CA PRO C 288 -17.37 -10.00 -50.23
C PRO C 288 -16.01 -10.03 -50.92
N GLU C 289 -14.93 -9.65 -50.24
CA GLU C 289 -13.60 -9.66 -50.82
C GLU C 289 -12.88 -10.99 -50.67
N TYR C 290 -13.61 -12.09 -50.47
CA TYR C 290 -13.02 -13.39 -50.24
C TYR C 290 -13.32 -14.33 -51.40
N ALA C 291 -12.36 -15.20 -51.69
CA ALA C 291 -12.51 -16.22 -52.73
C ALA C 291 -11.93 -17.53 -52.18
N GLY C 292 -12.81 -18.50 -51.92
CA GLY C 292 -12.38 -19.78 -51.41
C GLY C 292 -13.39 -20.86 -51.78
N SER C 293 -12.93 -22.11 -51.72
CA SER C 293 -13.72 -23.25 -52.15
C SER C 293 -14.80 -23.64 -51.14
N ASN C 294 -15.02 -22.83 -50.10
CA ASN C 294 -16.15 -22.99 -49.18
C ASN C 294 -16.09 -24.33 -48.43
N THR C 295 -14.92 -24.68 -47.92
CA THR C 295 -14.79 -25.86 -47.08
C THR C 295 -14.44 -25.46 -45.65
N TYR C 296 -14.18 -26.46 -44.82
CA TYR C 296 -13.95 -26.23 -43.40
C TYR C 296 -12.64 -25.48 -43.16
N GLU C 297 -11.51 -26.07 -43.56
CA GLU C 297 -10.21 -25.63 -43.08
C GLU C 297 -9.85 -24.24 -43.61
N GLU C 298 -9.99 -24.02 -44.91
CA GLU C 298 -9.56 -22.75 -45.49
C GLU C 298 -10.40 -21.59 -44.96
N ALA C 299 -11.71 -21.79 -44.81
CA ALA C 299 -12.56 -20.74 -44.29
C ALA C 299 -12.23 -20.45 -42.83
N ALA C 300 -12.03 -21.49 -42.02
CA ALA C 300 -11.69 -21.27 -40.62
C ALA C 300 -10.37 -20.52 -40.51
N ALA C 301 -9.37 -20.91 -41.29
CA ALA C 301 -8.07 -20.24 -41.25
C ALA C 301 -8.19 -18.80 -41.72
N TYR C 302 -9.02 -18.55 -42.73
CA TYR C 302 -9.19 -17.17 -43.21
C TYR C 302 -9.81 -16.30 -42.13
N ILE C 303 -10.82 -16.81 -41.43
CA ILE C 303 -11.42 -16.05 -40.34
C ILE C 303 -10.39 -15.80 -39.24
N GLN C 304 -9.58 -16.81 -38.92
CA GLN C 304 -8.55 -16.65 -37.90
C GLN C 304 -7.54 -15.58 -38.28
N CYS C 305 -7.12 -15.56 -39.54
CA CYS C 305 -6.23 -14.51 -40.03
C CYS C 305 -6.89 -13.15 -39.93
N GLN C 306 -8.17 -13.07 -40.30
CA GLN C 306 -8.89 -11.80 -40.22
C GLN C 306 -8.92 -11.27 -38.78
N PHE C 307 -9.05 -12.16 -37.80
CA PHE C 307 -8.94 -11.71 -36.41
C PHE C 307 -7.51 -11.28 -36.07
N GLU C 308 -6.54 -12.18 -36.24
CA GLU C 308 -5.19 -11.88 -35.75
C GLU C 308 -4.52 -10.73 -36.51
N ASP C 309 -5.05 -10.30 -37.65
CA ASP C 309 -4.53 -9.12 -38.32
C ASP C 309 -4.97 -7.82 -37.65
N LEU C 310 -5.90 -7.89 -36.68
CA LEU C 310 -6.39 -6.69 -36.02
C LEU C 310 -5.38 -6.11 -35.04
N ASN C 311 -4.40 -6.90 -34.62
CA ASN C 311 -3.40 -6.43 -33.66
C ASN C 311 -2.60 -5.28 -34.28
N LYS C 312 -2.23 -4.33 -33.43
CA LYS C 312 -1.51 -3.16 -33.89
C LYS C 312 -0.19 -2.94 -33.14
N ARG C 313 0.25 -3.90 -32.34
CA ARG C 313 1.50 -3.75 -31.59
C ARG C 313 2.55 -4.75 -32.05
N LYS C 314 2.24 -6.05 -31.98
CA LYS C 314 2.95 -7.15 -32.63
C LYS C 314 4.37 -7.39 -32.12
N ASP C 315 4.87 -6.61 -31.16
CA ASP C 315 6.15 -6.93 -30.54
C ASP C 315 6.02 -7.13 -29.04
N THR C 316 5.34 -6.22 -28.34
CA THR C 316 5.13 -6.38 -26.90
C THR C 316 4.01 -7.36 -26.60
N LYS C 317 3.06 -7.51 -27.51
CA LYS C 317 1.84 -8.25 -27.29
C LYS C 317 1.78 -9.46 -28.21
N GLU C 318 1.11 -10.51 -27.75
CA GLU C 318 0.91 -11.72 -28.54
C GLU C 318 -0.49 -12.25 -28.31
N ILE C 319 -1.15 -12.63 -29.39
CA ILE C 319 -2.52 -13.14 -29.36
C ILE C 319 -2.46 -14.65 -29.54
N TYR C 320 -3.06 -15.38 -28.61
CA TYR C 320 -3.10 -16.83 -28.66
C TYR C 320 -4.50 -17.29 -29.04
N THR C 321 -4.56 -18.19 -30.03
CA THR C 321 -5.83 -18.56 -30.65
C THR C 321 -6.00 -20.07 -30.56
N HIS C 322 -7.26 -20.52 -30.59
CA HIS C 322 -7.56 -21.91 -30.31
C HIS C 322 -8.88 -22.28 -30.97
N PHE C 323 -9.07 -23.58 -31.19
CA PHE C 323 -10.28 -24.15 -31.79
C PHE C 323 -10.88 -25.18 -30.87
N THR C 324 -12.11 -24.92 -30.41
CA THR C 324 -12.82 -25.89 -29.57
C THR C 324 -14.32 -25.66 -29.71
N CYS C 325 -15.07 -26.76 -29.62
CA CYS C 325 -16.53 -26.69 -29.62
C CYS C 325 -17.11 -27.22 -28.31
N SER C 326 -16.83 -28.48 -27.96
CA SER C 326 -17.30 -29.08 -26.72
C SER C 326 -16.26 -30.01 -26.11
N THR C 327 -14.98 -29.73 -26.31
CA THR C 327 -13.94 -30.62 -25.83
C THR C 327 -13.63 -30.34 -24.36
N ASP C 328 -13.26 -31.40 -23.64
CA ASP C 328 -13.13 -31.37 -22.18
C ASP C 328 -11.70 -31.30 -21.68
N THR C 329 -10.71 -31.12 -22.57
CA THR C 329 -9.33 -31.17 -22.10
C THR C 329 -8.50 -29.97 -22.58
N LYS C 330 -8.81 -29.46 -23.78
CA LYS C 330 -7.93 -28.49 -24.43
C LYS C 330 -8.04 -27.08 -23.89
N ASN C 331 -9.19 -26.69 -23.34
CA ASN C 331 -9.40 -25.30 -22.97
C ASN C 331 -8.49 -24.86 -21.82
N VAL C 332 -8.62 -25.53 -20.67
CA VAL C 332 -7.89 -25.11 -19.49
C VAL C 332 -6.39 -25.32 -19.67
N GLN C 333 -6.00 -26.39 -20.35
CA GLN C 333 -4.58 -26.60 -20.65
C GLN C 333 -4.05 -25.50 -21.55
N PHE C 334 -4.86 -25.07 -22.53
CA PHE C 334 -4.45 -23.96 -23.38
C PHE C 334 -4.21 -22.71 -22.56
N VAL C 335 -5.11 -22.41 -21.63
CA VAL C 335 -4.95 -21.23 -20.79
C VAL C 335 -3.70 -21.35 -19.93
N PHE C 336 -3.45 -22.53 -19.37
CA PHE C 336 -2.27 -22.74 -18.53
C PHE C 336 -0.98 -22.53 -19.31
N ASP C 337 -0.91 -23.07 -20.54
CA ASP C 337 0.28 -22.86 -21.36
C ASP C 337 0.47 -21.39 -21.70
N ALA C 338 -0.61 -20.72 -22.09
CA ALA C 338 -0.52 -19.32 -22.46
C ALA C 338 -0.11 -18.43 -21.29
N VAL C 339 -0.46 -18.80 -20.06
CA VAL C 339 -0.03 -17.98 -18.92
C VAL C 339 1.38 -18.34 -18.45
N THR C 340 1.81 -19.60 -18.60
CA THR C 340 3.18 -19.93 -18.26
C THR C 340 4.16 -19.22 -19.18
N ASP C 341 3.83 -19.12 -20.47
CA ASP C 341 4.71 -18.38 -21.38
C ASP C 341 4.85 -16.92 -20.96
N VAL C 342 3.72 -16.27 -20.63
CA VAL C 342 3.75 -14.89 -20.19
C VAL C 342 4.55 -14.73 -18.91
N ILE C 343 4.40 -15.65 -17.97
CA ILE C 343 5.15 -15.57 -16.71
C ILE C 343 6.64 -15.71 -16.96
N ILE C 344 7.03 -16.63 -17.85
CA ILE C 344 8.44 -16.82 -18.16
C ILE C 344 9.02 -15.53 -18.73
N LYS C 345 8.29 -14.92 -19.67
CA LYS C 345 8.75 -13.66 -20.24
C LYS C 345 8.86 -12.58 -19.17
N ASN C 346 7.89 -12.52 -18.26
CA ASN C 346 7.90 -11.50 -17.21
C ASN C 346 9.11 -11.66 -16.31
N ASN C 347 9.38 -12.89 -15.84
CA ASN C 347 10.53 -13.13 -14.99
C ASN C 347 11.83 -12.80 -15.71
N LEU C 348 11.96 -13.21 -16.99
CA LEU C 348 13.22 -12.96 -17.69
C LEU C 348 13.45 -11.48 -17.97
N LYS C 349 12.41 -10.71 -18.16
CA LYS C 349 12.61 -9.29 -18.36
C LYS C 349 12.70 -8.53 -17.06
N ASP C 350 12.38 -9.17 -15.94
CA ASP C 350 12.52 -8.52 -14.64
C ASP C 350 13.97 -8.39 -14.21
N CYS C 351 14.84 -9.34 -14.55
CA CYS C 351 16.23 -9.34 -14.12
C CYS C 351 17.19 -8.74 -15.14
N GLY C 352 16.69 -8.02 -16.15
CA GLY C 352 17.51 -7.32 -17.12
C GLY C 352 17.92 -8.15 -18.31
N LEU C 353 18.02 -9.47 -18.15
CA LEU C 353 18.60 -10.32 -19.17
C LEU C 353 17.81 -10.25 -20.48
N PHE C 354 16.49 -10.23 -20.38
CA PHE C 354 15.64 -10.25 -21.55
C PHE C 354 15.73 -8.91 -22.27
N VAL D 2 -21.26 -10.66 25.96
CA VAL D 2 -20.28 -9.87 26.70
C VAL D 2 -20.31 -10.18 28.20
N GLN D 3 -19.30 -10.92 28.65
CA GLN D 3 -19.18 -11.23 30.06
C GLN D 3 -17.80 -11.83 30.33
N LEU D 4 -17.32 -11.61 31.55
CA LEU D 4 -16.04 -12.12 32.02
C LEU D 4 -16.34 -12.97 33.26
N VAL D 5 -16.26 -14.28 33.12
CA VAL D 5 -16.53 -15.19 34.24
C VAL D 5 -15.20 -15.77 34.69
N GLU D 6 -14.77 -15.43 35.90
CA GLU D 6 -13.50 -15.87 36.43
C GLU D 6 -13.72 -16.80 37.62
N SER D 7 -12.84 -17.78 37.72
CA SER D 7 -12.82 -18.71 38.85
C SER D 7 -11.37 -18.95 39.25
N GLY D 8 -11.22 -19.65 40.37
CA GLY D 8 -9.90 -20.00 40.87
C GLY D 8 -9.68 -19.70 42.34
N GLY D 9 -10.64 -19.00 42.96
CA GLY D 9 -10.48 -18.59 44.34
C GLY D 9 -10.65 -19.75 45.32
N GLY D 10 -10.46 -19.42 46.59
CA GLY D 10 -10.57 -20.41 47.64
C GLY D 10 -9.65 -20.04 48.79
N LEU D 11 -9.46 -21.00 49.70
CA LEU D 11 -8.59 -20.81 50.86
C LEU D 11 -7.30 -21.59 50.64
N VAL D 12 -6.17 -20.96 50.94
CA VAL D 12 -4.86 -21.49 50.59
C VAL D 12 -3.94 -21.44 51.81
N GLN D 13 -2.92 -22.28 51.79
CA GLN D 13 -1.87 -22.21 52.79
C GLN D 13 -0.95 -21.03 52.48
N PRO D 14 -0.14 -20.60 53.47
CA PRO D 14 0.88 -19.59 53.15
C PRO D 14 1.88 -20.06 52.11
N GLY D 15 2.45 -21.25 52.30
CA GLY D 15 3.33 -21.82 51.31
C GLY D 15 2.59 -22.68 50.31
N GLY D 16 2.37 -22.15 49.11
CA GLY D 16 1.62 -22.87 48.10
C GLY D 16 1.15 -21.98 46.96
N SER D 17 0.92 -22.58 45.80
CA SER D 17 0.53 -21.84 44.60
C SER D 17 -0.98 -21.84 44.41
N ARG D 18 -1.42 -21.07 43.43
CA ARG D 18 -2.82 -21.04 43.04
C ARG D 18 -2.94 -20.47 41.63
N LYS D 19 -4.09 -20.70 41.01
CA LYS D 19 -4.35 -20.28 39.65
C LYS D 19 -5.72 -19.60 39.58
N LEU D 20 -5.80 -18.54 38.79
CA LEU D 20 -7.03 -17.79 38.61
C LEU D 20 -7.26 -17.59 37.12
N SER D 21 -8.31 -18.22 36.59
CA SER D 21 -8.61 -18.17 35.17
C SER D 21 -9.89 -17.40 34.94
N CYS D 22 -10.03 -16.81 33.77
CA CYS D 22 -11.27 -16.15 33.38
C CYS D 22 -11.57 -16.43 31.91
N SER D 23 -12.85 -16.63 31.63
CA SER D 23 -13.37 -16.84 30.28
C SER D 23 -14.15 -15.61 29.84
N ALA D 24 -13.82 -15.09 28.67
CA ALA D 24 -14.35 -13.84 28.15
C ALA D 24 -15.27 -14.13 26.98
N SER D 25 -16.55 -14.36 27.28
CA SER D 25 -17.51 -14.79 26.28
C SER D 25 -18.40 -13.64 25.87
N GLY D 26 -18.35 -13.29 24.59
CA GLY D 26 -19.23 -12.27 24.05
C GLY D 26 -18.55 -11.16 23.29
N PHE D 27 -17.23 -11.16 23.13
CA PHE D 27 -16.57 -10.08 22.40
C PHE D 27 -15.27 -10.60 21.81
N ALA D 28 -14.54 -9.70 21.14
CA ALA D 28 -13.25 -10.02 20.50
C ALA D 28 -12.14 -9.93 21.53
N PHE D 29 -11.91 -11.06 22.21
CA PHE D 29 -10.97 -11.11 23.33
C PHE D 29 -9.53 -10.85 22.89
N SER D 30 -9.23 -11.02 21.61
CA SER D 30 -7.83 -10.92 21.17
C SER D 30 -7.41 -9.47 21.04
N SER D 31 -8.35 -8.54 21.12
CA SER D 31 -8.04 -7.11 21.04
C SER D 31 -8.10 -6.41 22.39
N PHE D 32 -7.89 -7.12 23.50
CA PHE D 32 -8.10 -6.53 24.82
C PHE D 32 -6.91 -6.82 25.71
N GLY D 33 -6.26 -5.76 26.20
CA GLY D 33 -5.32 -5.91 27.30
C GLY D 33 -6.05 -6.19 28.59
N MET D 34 -5.43 -6.97 29.46
CA MET D 34 -6.12 -7.49 30.63
C MET D 34 -5.33 -7.21 31.90
N HIS D 35 -6.03 -6.71 32.91
CA HIS D 35 -5.50 -6.34 34.21
C HIS D 35 -6.09 -7.25 35.28
N TRP D 36 -5.34 -7.43 36.37
CA TRP D 36 -5.88 -7.94 37.63
C TRP D 36 -5.81 -6.86 38.69
N VAL D 37 -6.92 -6.66 39.40
CA VAL D 37 -6.98 -5.61 40.46
C VAL D 37 -7.46 -6.27 41.76
N ARG D 38 -6.54 -6.44 42.72
CA ARG D 38 -6.90 -7.13 43.99
C ARG D 38 -7.67 -6.18 44.90
N GLN D 39 -8.60 -6.71 45.70
CA GLN D 39 -9.39 -5.88 46.64
C GLN D 39 -9.38 -6.53 48.03
N ALA D 40 -8.48 -6.07 48.90
CA ALA D 40 -8.38 -6.65 50.27
C ALA D 40 -9.69 -6.40 51.03
N PRO D 41 -10.20 -7.38 51.80
CA PRO D 41 -11.44 -7.21 52.56
C PRO D 41 -11.31 -6.01 53.53
N GLU D 42 -10.10 -5.80 54.06
CA GLU D 42 -9.86 -4.69 55.01
C GLU D 42 -9.71 -3.39 54.21
N LYS D 43 -10.71 -3.03 53.41
CA LYS D 43 -10.67 -1.77 52.62
C LYS D 43 -9.34 -1.70 51.86
N GLY D 44 -8.96 -2.80 51.19
CA GLY D 44 -7.70 -2.82 50.41
C GLY D 44 -7.97 -2.74 48.92
N LEU D 45 -7.27 -1.85 48.22
CA LEU D 45 -7.46 -1.69 46.75
C LEU D 45 -6.12 -1.34 46.10
N GLU D 46 -5.90 -1.81 44.87
CA GLU D 46 -4.63 -1.53 44.14
C GLU D 46 -4.55 -2.40 42.88
N TRP D 47 -3.66 -2.05 41.95
CA TRP D 47 -3.47 -2.88 40.73
C TRP D 47 -2.50 -4.01 41.03
N VAL D 48 -2.69 -5.16 40.37
CA VAL D 48 -1.82 -6.32 40.58
C VAL D 48 -0.87 -6.56 39.41
N ALA D 49 -1.42 -6.76 38.22
CA ALA D 49 -0.61 -7.19 37.08
C ALA D 49 -1.31 -6.84 35.78
N TYR D 50 -0.52 -6.78 34.70
CA TYR D 50 -1.04 -6.37 33.40
C TYR D 50 -0.38 -7.15 32.27
N ILE D 51 -1.20 -7.67 31.33
CA ILE D 51 -0.70 -8.34 30.14
C ILE D 51 -1.44 -7.81 28.91
N SER D 52 -0.69 -7.50 27.86
CA SER D 52 -1.20 -6.74 26.73
C SER D 52 -1.71 -7.65 25.62
N SER D 53 -2.25 -7.02 24.57
CA SER D 53 -2.80 -7.73 23.40
C SER D 53 -1.65 -8.07 22.46
N GLY D 54 -1.18 -9.30 22.51
CA GLY D 54 -0.01 -9.72 21.78
C GLY D 54 1.09 -10.31 22.64
N SER D 55 0.87 -10.44 23.95
CA SER D 55 1.80 -11.05 24.89
C SER D 55 3.17 -10.39 24.86
N GLY D 56 3.26 -9.17 24.35
CA GLY D 56 4.52 -8.44 24.32
C GLY D 56 4.93 -7.93 25.67
N THR D 57 4.16 -7.02 26.23
CA THR D 57 4.46 -6.41 27.52
C THR D 57 3.82 -7.20 28.66
N ILE D 58 4.47 -7.19 29.81
CA ILE D 58 3.94 -7.72 31.05
C ILE D 58 4.46 -6.86 32.19
N TYR D 59 3.54 -6.34 33.01
CA TYR D 59 3.88 -5.42 34.08
C TYR D 59 3.39 -5.93 35.41
N TYR D 60 4.16 -5.61 36.46
CA TYR D 60 3.82 -5.95 37.83
C TYR D 60 3.99 -4.73 38.72
N ALA D 61 3.30 -4.74 39.85
CA ALA D 61 3.52 -3.76 40.91
C ALA D 61 4.63 -4.26 41.83
N ASP D 62 5.54 -3.36 42.18
CA ASP D 62 6.80 -3.75 42.82
C ASP D 62 6.59 -4.74 43.97
N THR D 63 5.46 -4.67 44.66
CA THR D 63 5.20 -5.59 45.75
C THR D 63 4.90 -7.01 45.29
N VAL D 64 4.71 -7.23 43.99
CA VAL D 64 4.31 -8.54 43.49
C VAL D 64 5.31 -9.13 42.50
N LYS D 65 6.17 -8.30 41.90
CA LYS D 65 7.08 -8.78 40.86
C LYS D 65 7.94 -9.92 41.36
N GLY D 66 8.03 -10.99 40.56
CA GLY D 66 8.88 -12.12 40.84
C GLY D 66 8.16 -13.36 41.34
N ARG D 67 6.90 -13.25 41.76
CA ARG D 67 6.18 -14.40 42.29
C ARG D 67 4.88 -14.70 41.57
N PHE D 68 4.41 -13.81 40.70
CA PHE D 68 3.19 -14.00 39.93
C PHE D 68 3.55 -14.06 38.45
N THR D 69 2.87 -14.92 37.70
CA THR D 69 3.02 -14.95 36.25
C THR D 69 1.65 -14.91 35.59
N ILE D 70 1.57 -14.19 34.48
CA ILE D 70 0.32 -13.90 33.80
C ILE D 70 0.41 -14.45 32.38
N SER D 71 -0.74 -14.84 31.82
CA SER D 71 -0.71 -15.47 30.50
C SER D 71 -2.08 -15.43 29.84
N ARG D 72 -2.09 -15.78 28.55
CA ARG D 72 -3.31 -15.81 27.76
C ARG D 72 -3.46 -17.16 27.07
N ASP D 73 -4.69 -17.47 26.67
CA ASP D 73 -5.02 -18.55 25.75
C ASP D 73 -5.93 -17.89 24.72
N ASP D 74 -5.33 -17.33 23.68
CA ASP D 74 -6.02 -16.44 22.76
C ASP D 74 -6.93 -17.19 21.80
N PRO D 75 -6.54 -18.37 21.28
CA PRO D 75 -7.52 -19.15 20.50
C PRO D 75 -8.79 -19.49 21.26
N LYS D 76 -8.68 -19.78 22.55
CA LYS D 76 -9.82 -20.20 23.35
C LYS D 76 -10.38 -19.09 24.24
N ASN D 77 -9.86 -17.87 24.11
CA ASN D 77 -10.38 -16.69 24.81
C ASN D 77 -10.37 -16.89 26.33
N THR D 78 -9.16 -17.03 26.87
CA THR D 78 -8.99 -17.28 28.29
C THR D 78 -7.81 -16.47 28.82
N LEU D 79 -7.91 -16.04 30.08
CA LEU D 79 -6.83 -15.30 30.72
C LEU D 79 -6.45 -15.98 32.03
N PHE D 80 -5.14 -16.09 32.29
CA PHE D 80 -4.63 -16.83 33.43
C PHE D 80 -3.73 -15.96 34.31
N LEU D 81 -3.82 -16.20 35.62
CA LEU D 81 -2.86 -15.72 36.61
C LEU D 81 -2.40 -16.91 37.45
N GLN D 82 -1.11 -16.94 37.77
CA GLN D 82 -0.48 -18.01 38.53
C GLN D 82 0.33 -17.40 39.65
N MET D 83 0.08 -17.83 40.88
CA MET D 83 0.69 -17.25 42.07
C MET D 83 1.47 -18.32 42.80
N THR D 84 2.71 -18.01 43.18
CA THR D 84 3.63 -18.96 43.77
C THR D 84 3.83 -18.75 45.26
N SER D 85 4.15 -17.52 45.67
CA SER D 85 4.42 -17.19 47.06
C SER D 85 3.27 -16.33 47.59
N LEU D 86 2.58 -16.83 48.60
CA LEU D 86 1.41 -16.17 49.18
C LEU D 86 1.68 -15.85 50.64
N ARG D 87 1.90 -14.56 50.91
CA ARG D 87 2.13 -14.08 52.27
C ARG D 87 0.80 -14.01 53.01
N SER D 88 0.88 -13.74 54.31
CA SER D 88 -0.33 -13.65 55.11
C SER D 88 -1.23 -12.50 54.66
N GLU D 89 -0.65 -11.48 54.04
CA GLU D 89 -1.41 -10.34 53.53
C GLU D 89 -1.84 -10.53 52.08
N ASP D 90 -1.92 -11.77 51.61
CA ASP D 90 -2.41 -12.08 50.27
C ASP D 90 -3.85 -12.55 50.27
N THR D 91 -4.64 -12.13 51.25
CA THR D 91 -6.05 -12.50 51.36
C THR D 91 -6.92 -11.32 50.95
N ALA D 92 -7.68 -11.50 49.86
CA ALA D 92 -8.43 -10.42 49.25
C ALA D 92 -9.41 -10.96 48.21
N MET D 93 -9.95 -10.09 47.37
CA MET D 93 -10.76 -10.53 46.24
C MET D 93 -10.18 -9.93 44.96
N TYR D 94 -10.31 -10.67 43.86
CA TYR D 94 -9.64 -10.35 42.61
C TYR D 94 -10.64 -10.06 41.50
N TYR D 95 -10.42 -8.95 40.80
CA TYR D 95 -11.30 -8.45 39.75
C TYR D 95 -10.48 -8.41 38.47
N CYS D 96 -10.93 -9.14 37.45
CA CYS D 96 -10.24 -9.13 36.16
C CYS D 96 -10.88 -8.07 35.28
N VAL D 97 -10.09 -7.16 34.76
CA VAL D 97 -10.60 -5.99 34.06
C VAL D 97 -10.05 -6.01 32.63
N ARG D 98 -10.94 -5.84 31.67
CA ARG D 98 -10.51 -5.68 30.29
C ARG D 98 -10.34 -4.20 29.98
N SER D 99 -9.45 -3.91 29.04
CA SER D 99 -9.25 -2.54 28.59
C SER D 99 -8.55 -2.57 27.25
N ILE D 100 -8.96 -1.66 26.36
CA ILE D 100 -8.37 -1.58 25.04
C ILE D 100 -7.89 -0.16 24.83
N TYR D 101 -6.64 -0.01 24.37
CA TYR D 101 -6.01 1.30 24.22
C TYR D 101 -5.85 1.61 22.74
N TYR D 102 -6.73 2.47 22.24
CA TYR D 102 -6.55 3.19 20.99
C TYR D 102 -7.16 4.56 21.21
N TYR D 103 -6.85 5.51 20.33
CA TYR D 103 -7.34 6.87 20.55
C TYR D 103 -8.86 6.89 20.68
N GLY D 104 -9.35 7.50 21.76
CA GLY D 104 -10.77 7.60 22.02
C GLY D 104 -11.35 6.44 22.82
N SER D 105 -10.55 5.44 23.16
CA SER D 105 -11.08 4.30 23.87
C SER D 105 -11.40 4.68 25.32
N SER D 106 -12.08 3.77 26.01
CA SER D 106 -12.43 3.95 27.42
C SER D 106 -12.01 2.71 28.18
N PRO D 107 -10.75 2.66 28.62
CA PRO D 107 -10.27 1.48 29.35
C PRO D 107 -11.04 1.24 30.64
N PHE D 108 -10.81 0.05 31.21
CA PHE D 108 -11.41 -0.35 32.48
C PHE D 108 -12.93 -0.30 32.42
N ASP D 109 -13.49 -0.83 31.33
CA ASP D 109 -14.90 -0.65 31.05
C ASP D 109 -15.75 -1.73 31.72
N PHE D 110 -15.48 -3.00 31.41
CA PHE D 110 -16.22 -4.11 31.99
C PHE D 110 -15.32 -4.81 33.00
N TRP D 111 -15.85 -5.03 34.20
CA TRP D 111 -15.01 -5.28 35.37
C TRP D 111 -15.19 -6.69 35.93
N GLY D 112 -15.65 -7.63 35.10
CA GLY D 112 -15.72 -8.97 35.63
C GLY D 112 -16.72 -9.07 36.78
N GLN D 113 -16.53 -10.09 37.60
CA GLN D 113 -17.43 -10.34 38.71
C GLN D 113 -16.68 -10.43 40.03
N GLY D 114 -15.50 -11.05 40.02
CA GLY D 114 -14.68 -11.19 41.20
C GLY D 114 -14.54 -12.60 41.70
N THR D 115 -13.37 -12.95 42.23
CA THR D 115 -13.13 -14.24 42.86
C THR D 115 -12.44 -14.03 44.19
N THR D 116 -12.94 -14.68 45.23
CA THR D 116 -12.43 -14.50 46.58
C THR D 116 -11.28 -15.45 46.86
N LEU D 117 -10.20 -14.93 47.42
CA LEU D 117 -9.05 -15.74 47.81
C LEU D 117 -8.70 -15.40 49.25
N THR D 118 -8.59 -16.42 50.09
CA THR D 118 -8.27 -16.24 51.50
C THR D 118 -7.02 -17.06 51.82
N VAL D 119 -6.13 -16.47 52.60
CA VAL D 119 -4.86 -17.11 52.96
C VAL D 119 -4.94 -17.54 54.42
N SER D 120 -4.49 -18.77 54.69
CA SER D 120 -4.45 -19.25 56.06
C SER D 120 -3.52 -18.39 56.90
N SER D 121 -3.91 -18.14 58.14
CA SER D 121 -3.10 -17.33 59.04
C SER D 121 -1.97 -18.14 59.64
N SER D 136 9.35 7.28 43.42
CA SER D 136 8.70 6.00 43.70
C SER D 136 7.24 6.05 43.29
N ASP D 137 6.42 5.21 43.93
CA ASP D 137 5.01 5.13 43.61
C ASP D 137 4.30 6.44 43.93
N ILE D 138 3.45 6.89 43.00
CA ILE D 138 2.63 8.07 43.25
C ILE D 138 1.65 7.76 44.38
N VAL D 139 1.30 8.79 45.15
CA VAL D 139 0.39 8.66 46.27
C VAL D 139 -0.87 9.48 45.98
N MET D 140 -2.02 8.83 46.09
CA MET D 140 -3.32 9.47 45.92
C MET D 140 -4.05 9.42 47.26
N THR D 141 -4.68 10.52 47.64
CA THR D 141 -5.24 10.69 48.97
C THR D 141 -6.71 11.05 48.91
N GLN D 142 -7.53 10.33 49.68
CA GLN D 142 -8.93 10.67 49.93
C GLN D 142 -9.08 10.78 51.45
N ALA D 143 -8.91 12.00 51.97
CA ALA D 143 -8.81 12.19 53.41
C ALA D 143 -10.08 11.78 54.15
N THR D 144 -11.24 12.18 53.65
CA THR D 144 -12.49 11.83 54.32
C THR D 144 -12.80 10.35 54.13
N SER D 145 -13.76 9.85 54.91
CA SER D 145 -14.13 8.45 54.85
C SER D 145 -15.64 8.27 54.80
N SER D 146 -16.40 9.27 55.26
CA SER D 146 -17.85 9.14 55.32
C SER D 146 -18.48 10.51 55.21
N VAL D 147 -19.56 10.60 54.43
CA VAL D 147 -20.31 11.84 54.25
C VAL D 147 -21.79 11.52 54.39
N PRO D 148 -22.45 11.91 55.49
CA PRO D 148 -23.89 11.66 55.61
C PRO D 148 -24.69 12.71 54.85
N VAL D 149 -25.74 12.25 54.17
CA VAL D 149 -26.54 13.11 53.30
C VAL D 149 -27.87 12.43 53.03
N THR D 150 -28.87 13.24 52.64
CA THR D 150 -30.25 12.91 52.33
C THR D 150 -30.50 13.02 50.83
N PRO D 151 -31.34 12.15 50.25
CA PRO D 151 -31.58 12.20 48.80
C PRO D 151 -32.14 13.56 48.36
N GLY D 152 -32.03 13.79 47.05
CA GLY D 152 -32.52 15.00 46.44
C GLY D 152 -31.55 16.16 46.42
N GLU D 153 -30.39 16.05 47.05
CA GLU D 153 -29.44 17.15 47.12
C GLU D 153 -28.05 16.68 46.74
N SER D 154 -27.24 17.64 46.30
CA SER D 154 -25.93 17.37 45.72
C SER D 154 -24.91 16.95 46.78
N VAL D 155 -23.94 16.14 46.36
CA VAL D 155 -22.86 15.67 47.21
C VAL D 155 -21.55 15.78 46.43
N SER D 156 -20.44 15.85 47.16
CA SER D 156 -19.13 15.96 46.54
C SER D 156 -18.10 15.19 47.36
N ILE D 157 -17.16 14.55 46.66
CA ILE D 157 -16.09 13.75 47.24
C ILE D 157 -14.77 14.22 46.65
N SER D 158 -13.72 14.21 47.47
CA SER D 158 -12.42 14.73 47.06
C SER D 158 -11.36 13.63 47.05
N CYS D 159 -10.46 13.72 46.06
CA CYS D 159 -9.28 12.88 45.97
C CYS D 159 -8.11 13.77 45.56
N ARG D 160 -6.91 13.39 45.97
CA ARG D 160 -5.74 14.23 45.71
C ARG D 160 -4.50 13.38 45.57
N SER D 161 -3.59 13.82 44.70
CA SER D 161 -2.34 13.14 44.40
C SER D 161 -1.16 13.95 44.90
N SER D 162 0.05 13.49 44.55
CA SER D 162 1.27 14.15 44.99
C SER D 162 1.99 14.90 43.88
N LYS D 163 1.57 14.78 42.63
CA LYS D 163 2.20 15.52 41.54
C LYS D 163 1.21 15.65 40.39
N SER D 164 1.59 16.45 39.40
CA SER D 164 0.68 16.77 38.30
C SER D 164 0.42 15.55 37.43
N LEU D 165 -0.78 15.50 36.85
CA LEU D 165 -1.16 14.41 35.96
C LEU D 165 -1.35 14.85 34.52
N LEU D 166 -1.22 16.14 34.23
CA LEU D 166 -1.34 16.59 32.85
C LEU D 166 -0.09 16.15 32.09
N HIS D 167 -0.17 14.99 31.45
CA HIS D 167 0.98 14.36 30.83
C HIS D 167 1.19 15.01 29.45
N SER D 168 2.13 14.48 28.68
CA SER D 168 2.43 15.02 27.35
C SER D 168 1.20 15.00 26.45
N ASN D 169 0.33 14.00 26.60
CA ASN D 169 -0.87 13.91 25.79
C ASN D 169 -2.06 14.61 26.44
N GLY D 170 -1.82 15.37 27.50
CA GLY D 170 -2.82 16.27 28.04
C GLY D 170 -3.94 15.58 28.80
N ASN D 171 -3.78 14.29 29.05
CA ASN D 171 -4.85 13.47 29.60
C ASN D 171 -4.55 13.18 31.07
N THR D 172 -5.50 13.50 31.94
CA THR D 172 -5.33 13.31 33.38
C THR D 172 -5.82 11.91 33.75
N TYR D 173 -4.90 11.00 34.01
CA TYR D 173 -5.24 9.59 34.10
C TYR D 173 -5.81 9.26 35.48
N LEU D 174 -6.94 9.89 35.80
CA LEU D 174 -7.66 9.60 37.03
C LEU D 174 -9.00 8.97 36.71
N TYR D 175 -9.29 7.87 37.38
CA TYR D 175 -10.51 7.09 37.16
C TYR D 175 -11.31 7.03 38.45
N TRP D 176 -12.48 7.65 38.45
CA TRP D 176 -13.46 7.47 39.51
C TRP D 176 -14.34 6.27 39.20
N PHE D 177 -14.50 5.39 40.17
CA PHE D 177 -15.45 4.30 39.95
C PHE D 177 -16.02 3.81 41.28
N LEU D 178 -17.16 3.14 41.17
CA LEU D 178 -18.10 2.95 42.27
C LEU D 178 -18.21 1.48 42.63
N GLN D 179 -18.46 1.19 43.90
CA GLN D 179 -18.84 -0.14 44.35
C GLN D 179 -20.04 -0.01 45.27
N ARG D 180 -21.19 -0.55 44.82
CA ARG D 180 -22.40 -0.67 45.61
C ARG D 180 -22.34 -1.91 46.48
N PRO D 181 -23.00 -1.89 47.65
CA PRO D 181 -22.86 -3.00 48.60
C PRO D 181 -23.27 -4.33 47.99
N GLY D 182 -22.33 -5.28 47.99
CA GLY D 182 -22.55 -6.60 47.45
C GLY D 182 -22.32 -6.73 45.96
N GLN D 183 -22.02 -5.64 45.26
CA GLN D 183 -21.85 -5.66 43.81
C GLN D 183 -20.37 -5.52 43.47
N SER D 184 -20.03 -5.84 42.23
CA SER D 184 -18.73 -5.55 41.66
C SER D 184 -18.70 -4.12 41.18
N PRO D 185 -17.52 -3.53 41.02
CA PRO D 185 -17.42 -2.12 40.62
C PRO D 185 -17.81 -1.93 39.16
N GLN D 186 -17.80 -0.67 38.75
CA GLN D 186 -18.12 -0.28 37.37
C GLN D 186 -17.57 1.10 37.13
N LEU D 187 -17.09 1.35 35.92
CA LEU D 187 -16.49 2.64 35.63
C LEU D 187 -17.53 3.75 35.67
N LEU D 188 -17.16 4.86 36.29
CA LEU D 188 -17.96 6.07 36.30
C LEU D 188 -17.31 7.19 35.50
N ILE D 189 -16.06 7.52 35.81
CA ILE D 189 -15.40 8.67 35.19
C ILE D 189 -13.98 8.29 34.81
N TYR D 190 -13.73 8.11 33.50
CA TYR D 190 -12.39 7.82 33.03
C TYR D 190 -11.75 9.11 32.53
N ARG D 191 -10.50 9.34 32.93
CA ARG D 191 -9.71 10.52 32.60
C ARG D 191 -10.24 11.80 33.23
N MET D 192 -10.98 11.69 34.34
CA MET D 192 -11.42 12.79 35.20
C MET D 192 -12.42 13.73 34.55
N SER D 193 -12.72 13.56 33.27
CA SER D 193 -13.67 14.46 32.61
C SER D 193 -14.64 13.74 31.68
N ASN D 194 -14.61 12.41 31.64
CA ASN D 194 -15.41 11.64 30.69
C ASN D 194 -16.18 10.57 31.45
N LEU D 195 -17.47 10.43 31.12
CA LEU D 195 -18.38 9.56 31.83
C LEU D 195 -18.62 8.29 31.02
N ALA D 196 -18.49 7.14 31.68
CA ALA D 196 -18.64 5.86 31.01
C ALA D 196 -20.07 5.69 30.51
N SER D 197 -20.30 4.57 29.81
CA SER D 197 -21.55 4.31 29.13
C SER D 197 -22.39 3.32 29.91
N GLY D 198 -23.69 3.59 29.99
CA GLY D 198 -24.61 2.80 30.77
C GLY D 198 -24.91 3.37 32.14
N VAL D 199 -24.21 4.41 32.55
CA VAL D 199 -24.43 5.04 33.87
C VAL D 199 -25.21 6.33 33.66
N PRO D 200 -26.08 6.71 34.60
CA PRO D 200 -26.85 7.94 34.41
C PRO D 200 -25.96 9.17 34.42
N ASP D 201 -26.45 10.24 33.80
CA ASP D 201 -25.70 11.48 33.65
C ASP D 201 -25.70 12.33 34.92
N ARG D 202 -26.11 11.77 36.06
CA ARG D 202 -26.07 12.54 37.31
C ARG D 202 -24.65 12.70 37.83
N PHE D 203 -23.80 11.70 37.62
CA PHE D 203 -22.42 11.78 38.09
C PHE D 203 -21.62 12.75 37.23
N SER D 204 -20.62 13.37 37.84
CA SER D 204 -19.69 14.22 37.12
C SER D 204 -18.43 14.35 37.96
N GLY D 205 -17.42 15.03 37.42
CA GLY D 205 -16.20 15.23 38.15
C GLY D 205 -15.31 16.31 37.56
N SER D 206 -14.66 17.09 38.43
CA SER D 206 -13.79 18.16 37.97
C SER D 206 -12.66 18.40 38.98
N GLY D 207 -11.55 18.90 38.46
CA GLY D 207 -10.43 19.23 39.32
C GLY D 207 -9.34 19.91 38.51
N SER D 208 -8.17 20.02 39.15
CA SER D 208 -6.99 20.56 38.49
C SER D 208 -5.77 20.21 39.33
N GLY D 209 -4.60 20.32 38.71
CA GLY D 209 -3.35 20.10 39.41
C GLY D 209 -3.24 18.71 39.99
N THR D 210 -3.33 18.63 41.33
CA THR D 210 -3.26 17.36 42.03
C THR D 210 -4.54 17.06 42.80
N ALA D 211 -5.57 17.89 42.67
CA ALA D 211 -6.78 17.75 43.49
C ALA D 211 -8.01 17.71 42.59
N PHE D 212 -8.93 16.82 42.91
CA PHE D 212 -10.09 16.56 42.08
C PHE D 212 -11.28 16.23 42.97
N THR D 213 -12.49 16.41 42.42
CA THR D 213 -13.72 16.13 43.14
C THR D 213 -14.73 15.45 42.22
N LEU D 214 -15.28 14.33 42.69
CA LEU D 214 -16.47 13.73 42.11
C LEU D 214 -17.69 14.46 42.66
N THR D 215 -18.67 14.75 41.79
CA THR D 215 -19.86 15.50 42.18
C THR D 215 -21.10 14.78 41.69
N ILE D 216 -22.17 14.84 42.50
CA ILE D 216 -23.46 14.27 42.16
C ILE D 216 -24.53 15.32 42.43
N SER D 217 -25.38 15.59 41.43
CA SER D 217 -26.36 16.65 41.54
C SER D 217 -27.66 16.18 42.18
N ARG D 218 -28.25 15.11 41.68
CA ARG D 218 -29.46 14.55 42.25
C ARG D 218 -29.12 13.20 42.88
N LEU D 219 -29.65 12.99 44.08
CA LEU D 219 -29.31 11.83 44.88
C LEU D 219 -30.46 10.84 44.89
N GLU D 220 -30.16 9.59 44.58
CA GLU D 220 -31.15 8.52 44.53
C GLU D 220 -30.71 7.39 45.45
N ALA D 221 -31.54 6.34 45.51
CA ALA D 221 -31.26 5.22 46.40
C ALA D 221 -30.16 4.32 45.88
N GLU D 222 -29.94 4.25 44.57
CA GLU D 222 -28.85 3.49 43.99
C GLU D 222 -27.51 4.19 44.10
N ASP D 223 -27.53 5.52 44.18
CA ASP D 223 -26.29 6.31 44.14
C ASP D 223 -25.42 6.08 45.37
N VAL D 224 -25.97 5.51 46.44
CA VAL D 224 -25.19 5.26 47.65
C VAL D 224 -24.20 4.14 47.39
N GLY D 225 -22.96 4.34 47.85
CA GLY D 225 -21.91 3.35 47.64
C GLY D 225 -20.57 3.94 48.01
N VAL D 226 -19.54 3.14 47.81
CA VAL D 226 -18.17 3.55 48.13
C VAL D 226 -17.45 3.90 46.83
N TYR D 227 -16.75 5.03 46.82
CA TYR D 227 -16.16 5.57 45.60
C TYR D 227 -14.64 5.46 45.69
N TYR D 228 -14.00 5.27 44.52
CA TYR D 228 -12.56 5.08 44.46
C TYR D 228 -11.96 5.89 43.32
N CYS D 229 -10.67 6.24 43.49
CA CYS D 229 -9.91 7.00 42.50
C CYS D 229 -8.63 6.26 42.12
N MET D 230 -8.35 6.23 40.81
CA MET D 230 -7.28 5.50 40.15
C MET D 230 -6.35 6.44 39.40
N GLN D 231 -5.06 6.16 39.46
CA GLN D 231 -4.10 6.81 38.58
C GLN D 231 -3.50 5.76 37.65
N HIS D 232 -3.16 6.18 36.43
CA HIS D 232 -2.63 5.28 35.42
C HIS D 232 -1.35 5.79 34.76
N LEU D 233 -0.75 6.87 35.27
CA LEU D 233 0.38 7.49 34.58
C LEU D 233 1.53 6.53 34.36
N GLU D 234 1.73 5.59 35.28
CA GLU D 234 2.83 4.66 35.17
C GLU D 234 2.61 3.52 36.13
N TYR D 235 3.06 2.39 35.76
CA TYR D 235 2.88 1.26 36.65
C TYR D 235 3.89 1.35 37.78
N PRO D 236 3.49 1.10 39.03
CA PRO D 236 2.20 0.62 39.53
C PRO D 236 1.05 1.63 39.56
N LEU D 237 -0.17 1.14 39.38
CA LEU D 237 -1.37 1.95 39.48
C LEU D 237 -1.76 2.07 40.96
N THR D 238 -1.92 3.31 41.43
CA THR D 238 -2.13 3.59 42.84
C THR D 238 -3.44 4.33 43.05
N PHE D 239 -4.01 4.16 44.25
CA PHE D 239 -5.30 4.74 44.60
C PHE D 239 -5.22 5.74 45.74
N GLY D 240 -6.35 6.39 46.00
CA GLY D 240 -6.67 6.94 47.29
C GLY D 240 -7.31 5.88 48.16
N ALA D 241 -8.10 6.33 49.12
CA ALA D 241 -8.84 5.45 50.00
C ALA D 241 -10.31 5.45 49.59
N GLY D 242 -11.14 4.79 50.40
CA GLY D 242 -12.58 4.78 50.17
C GLY D 242 -13.28 5.87 50.95
N THR D 243 -14.30 6.46 50.33
CA THR D 243 -15.12 7.49 50.96
C THR D 243 -16.59 7.07 50.86
N LYS D 244 -17.06 6.39 51.90
CA LYS D 244 -18.43 5.88 51.91
C LYS D 244 -19.44 7.02 51.99
N LEU D 245 -20.52 6.88 51.22
CA LEU D 245 -21.71 7.69 51.38
C LEU D 245 -22.75 6.84 52.10
N GLU D 246 -23.45 7.46 53.05
CA GLU D 246 -24.35 6.73 53.94
C GLU D 246 -25.72 7.39 53.94
N LEU D 247 -26.74 6.56 54.13
CA LEU D 247 -28.13 7.03 54.12
C LEU D 247 -28.54 7.49 55.51
N PHE E 44 69.29 -17.69 -6.55
CA PHE E 44 68.13 -16.83 -6.28
C PHE E 44 67.41 -17.28 -5.01
N LEU E 45 67.87 -18.39 -4.43
CA LEU E 45 67.17 -19.00 -3.31
C LEU E 45 67.32 -18.13 -2.07
N GLU E 46 66.19 -17.79 -1.46
CA GLU E 46 66.16 -17.18 -0.14
C GLU E 46 65.17 -17.94 0.73
N ILE E 47 64.96 -17.46 1.96
CA ILE E 47 64.07 -18.10 2.91
C ILE E 47 63.21 -17.03 3.56
N ASP E 48 61.90 -17.07 3.28
CA ASP E 48 60.96 -16.22 4.00
C ASP E 48 60.67 -16.81 5.37
N LYS E 49 60.00 -17.96 5.39
CA LYS E 49 60.04 -18.89 6.50
C LYS E 49 60.36 -20.30 6.01
N LYS E 50 60.56 -20.48 4.71
CA LYS E 50 60.67 -21.78 4.06
C LYS E 50 61.63 -21.62 2.88
N ASN E 51 61.89 -22.72 2.18
CA ASN E 51 62.79 -22.70 1.03
C ASN E 51 62.02 -22.17 -0.17
N CYS E 52 62.06 -20.86 -0.39
CA CYS E 52 61.26 -20.21 -1.42
C CYS E 52 62.17 -19.51 -2.42
N CYS E 53 62.12 -19.96 -3.68
CA CYS E 53 62.79 -19.23 -4.75
C CYS E 53 62.10 -17.90 -4.98
N VAL E 54 62.85 -16.93 -5.50
CA VAL E 54 62.30 -15.63 -5.88
C VAL E 54 63.17 -15.08 -7.01
N PHE E 55 62.53 -14.40 -7.94
CA PHE E 55 63.22 -13.85 -9.11
C PHE E 55 62.92 -12.37 -9.24
N ARG E 56 63.74 -11.70 -10.05
CA ARG E 56 63.51 -10.32 -10.43
C ARG E 56 64.10 -10.16 -11.83
N ASP E 57 63.22 -10.27 -12.83
CA ASP E 57 63.60 -10.35 -14.22
C ASP E 57 63.30 -9.02 -14.91
N ASP E 58 64.21 -8.60 -15.78
CA ASP E 58 64.07 -7.29 -16.44
C ASP E 58 63.25 -7.40 -17.72
N PHE E 59 62.08 -8.04 -17.61
CA PHE E 59 61.07 -8.02 -18.65
C PHE E 59 59.72 -7.54 -18.14
N ILE E 60 59.49 -7.63 -16.83
CA ILE E 60 58.26 -7.11 -16.23
C ILE E 60 58.10 -5.63 -16.55
N VAL E 61 59.19 -4.87 -16.48
CA VAL E 61 59.13 -3.42 -16.58
C VAL E 61 58.59 -2.99 -17.94
N LYS E 62 58.88 -3.75 -18.99
CA LYS E 62 58.52 -3.30 -20.34
C LYS E 62 57.04 -3.48 -20.62
N VAL E 63 56.42 -4.54 -20.12
CA VAL E 63 55.09 -4.95 -20.54
C VAL E 63 54.05 -4.82 -19.44
N LEU E 64 54.38 -5.20 -18.19
CA LEU E 64 53.37 -5.21 -17.14
C LEU E 64 52.81 -3.83 -16.80
N PRO E 65 53.61 -2.79 -16.59
CA PRO E 65 53.05 -1.49 -16.18
C PRO E 65 52.03 -0.96 -17.18
N PRO E 66 52.26 -1.04 -18.50
CA PRO E 66 51.23 -0.51 -19.42
C PRO E 66 49.93 -1.29 -19.38
N VAL E 67 50.01 -2.62 -19.44
CA VAL E 67 48.82 -3.47 -19.30
C VAL E 67 48.04 -3.07 -18.05
N LEU E 68 48.72 -3.03 -16.91
CA LEU E 68 48.04 -2.82 -15.65
C LEU E 68 47.50 -1.40 -15.54
N GLY E 69 48.20 -0.43 -16.12
CA GLY E 69 47.71 0.94 -16.11
C GLY E 69 46.47 1.13 -16.96
N LEU E 70 46.42 0.50 -18.14
CA LEU E 70 45.20 0.55 -18.93
C LEU E 70 44.05 -0.12 -18.20
N GLU E 71 44.28 -1.32 -17.66
CA GLU E 71 43.24 -2.00 -16.91
C GLU E 71 42.76 -1.20 -15.72
N PHE E 72 43.64 -0.43 -15.08
CA PHE E 72 43.23 0.48 -14.02
C PHE E 72 42.37 1.62 -14.56
N ILE E 73 42.88 2.32 -15.57
CA ILE E 73 42.27 3.59 -15.97
C ILE E 73 40.94 3.38 -16.65
N PHE E 74 40.70 2.19 -17.21
CA PHE E 74 39.38 1.95 -17.78
C PHE E 74 38.44 1.23 -16.82
N GLY E 75 38.93 0.24 -16.07
CA GLY E 75 38.11 -0.41 -15.07
C GLY E 75 37.58 0.55 -14.02
N LEU E 76 38.39 1.55 -13.65
CA LEU E 76 37.99 2.55 -12.66
C LEU E 76 36.69 3.22 -13.08
N LEU E 77 36.69 3.89 -14.22
CA LEU E 77 35.48 4.56 -14.68
C LEU E 77 34.37 3.57 -14.96
N GLY E 78 34.70 2.42 -15.57
CA GLY E 78 33.67 1.47 -15.95
C GLY E 78 32.83 1.01 -14.77
N ASN E 79 33.47 0.80 -13.63
CA ASN E 79 32.70 0.46 -12.43
C ASN E 79 32.19 1.69 -11.70
N GLY E 80 32.88 2.82 -11.82
CA GLY E 80 32.46 4.02 -11.11
C GLY E 80 31.11 4.54 -11.58
N LEU E 81 30.92 4.64 -12.90
CA LEU E 81 29.65 5.18 -13.36
C LEU E 81 28.53 4.17 -13.15
N ALA E 82 28.85 2.88 -13.20
CA ALA E 82 27.86 1.86 -12.90
C ALA E 82 27.35 2.01 -11.46
N LEU E 83 28.27 2.21 -10.53
CA LEU E 83 27.88 2.38 -9.13
C LEU E 83 27.14 3.70 -8.93
N TRP E 84 27.55 4.75 -9.65
CA TRP E 84 26.84 6.01 -9.59
C TRP E 84 25.40 5.87 -10.09
N ILE E 85 25.19 5.14 -11.18
CA ILE E 85 23.83 4.88 -11.65
C ILE E 85 23.05 4.08 -10.61
N PHE E 86 23.64 3.01 -10.07
CA PHE E 86 22.94 2.22 -9.07
C PHE E 86 22.57 3.03 -7.84
N CYS E 87 23.28 4.12 -7.54
CA CYS E 87 23.02 4.86 -6.32
C CYS E 87 22.28 6.18 -6.52
N PHE E 88 22.23 6.73 -7.72
CA PHE E 88 21.77 8.10 -7.89
C PHE E 88 20.74 8.29 -8.99
N HIS E 89 20.64 7.37 -9.93
CA HIS E 89 19.84 7.56 -11.13
C HIS E 89 19.05 6.31 -11.49
N LEU E 90 18.72 5.49 -10.49
CA LEU E 90 17.94 4.28 -10.71
C LEU E 90 17.07 4.03 -9.50
N LYS E 91 15.79 3.80 -9.75
CA LYS E 91 14.77 3.70 -8.72
C LYS E 91 13.89 2.48 -8.95
N SER E 92 14.52 1.33 -9.16
CA SER E 92 13.80 0.06 -9.19
C SER E 92 13.97 -0.72 -7.89
N TRP E 93 15.22 -1.02 -7.52
CA TRP E 93 15.56 -1.67 -6.25
C TRP E 93 14.75 -2.95 -6.05
N LYS E 94 15.00 -3.91 -6.94
CA LYS E 94 14.42 -5.24 -6.86
C LYS E 94 15.48 -6.23 -6.42
N SER E 95 15.04 -7.40 -5.96
CA SER E 95 15.95 -8.37 -5.37
C SER E 95 16.89 -8.99 -6.39
N SER E 96 16.95 -8.42 -7.59
CA SER E 96 17.93 -8.81 -8.59
C SER E 96 18.88 -7.67 -8.92
N ARG E 97 18.53 -6.43 -8.61
CA ARG E 97 19.41 -5.29 -8.76
C ARG E 97 20.25 -5.01 -7.52
N ILE E 98 20.03 -5.73 -6.42
CA ILE E 98 20.89 -5.60 -5.25
C ILE E 98 21.82 -6.80 -5.11
N PHE E 99 21.88 -7.68 -6.10
CA PHE E 99 22.96 -8.65 -6.22
C PHE E 99 24.02 -8.17 -7.20
N LEU E 100 23.64 -7.36 -8.19
CA LEU E 100 24.60 -6.73 -9.09
C LEU E 100 25.34 -5.58 -8.41
N PHE E 101 24.67 -4.86 -7.51
CA PHE E 101 25.31 -3.75 -6.81
C PHE E 101 26.52 -4.22 -6.02
N ASN E 102 26.40 -5.35 -5.34
CA ASN E 102 27.52 -5.91 -4.60
C ASN E 102 28.66 -6.32 -5.52
N LEU E 103 28.34 -6.80 -6.73
CA LEU E 103 29.39 -7.16 -7.68
C LEU E 103 29.99 -5.92 -8.33
N ALA E 104 29.34 -4.76 -8.19
CA ALA E 104 29.89 -3.54 -8.74
C ALA E 104 30.68 -2.73 -7.72
N VAL E 105 30.77 -3.18 -6.47
CA VAL E 105 31.67 -2.60 -5.49
C VAL E 105 32.89 -3.49 -5.26
N ALA E 106 32.74 -4.79 -5.46
CA ALA E 106 33.85 -5.73 -5.23
C ALA E 106 34.99 -5.44 -6.21
N ASP E 107 34.72 -5.49 -7.51
CA ASP E 107 35.77 -5.28 -8.54
C ASP E 107 36.33 -3.85 -8.43
N PHE E 108 35.48 -2.86 -8.15
CA PHE E 108 35.94 -1.45 -8.11
C PHE E 108 37.05 -1.28 -7.07
N LEU E 109 36.91 -1.95 -5.92
CA LEU E 109 37.93 -1.85 -4.84
C LEU E 109 39.29 -2.30 -5.38
N LEU E 110 39.30 -3.34 -6.23
CA LEU E 110 40.56 -3.88 -6.80
C LEU E 110 41.27 -2.77 -7.59
N ILE E 111 40.50 -1.88 -8.21
CA ILE E 111 41.10 -0.80 -9.07
C ILE E 111 41.99 0.11 -8.22
N ILE E 112 41.44 0.72 -7.17
CA ILE E 112 42.19 1.68 -6.37
C ILE E 112 43.52 1.08 -5.94
N CYS E 113 43.57 -0.24 -5.78
CA CYS E 113 44.77 -0.94 -5.35
C CYS E 113 45.80 -1.08 -6.46
N LEU E 114 45.48 -0.66 -7.69
CA LEU E 114 46.35 -0.96 -8.83
C LEU E 114 47.55 -0.03 -8.93
N PRO E 115 47.42 1.30 -8.82
CA PRO E 115 48.60 2.16 -9.06
C PRO E 115 49.78 1.84 -8.17
N PHE E 116 49.54 1.42 -6.92
CA PHE E 116 50.64 1.04 -6.05
C PHE E 116 51.33 -0.22 -6.55
N LEU E 117 50.55 -1.17 -7.09
CA LEU E 117 51.16 -2.35 -7.71
C LEU E 117 51.95 -1.96 -8.95
N MET E 118 51.48 -0.95 -9.70
CA MET E 118 52.24 -0.47 -10.84
C MET E 118 53.56 0.15 -10.38
N ASP E 119 53.55 0.87 -9.28
CA ASP E 119 54.78 1.42 -8.71
C ASP E 119 55.71 0.30 -8.25
N ASN E 120 55.14 -0.77 -7.69
CA ASN E 120 55.95 -1.92 -7.30
C ASN E 120 56.61 -2.57 -8.52
N TYR E 121 55.93 -2.63 -9.63
CA TYR E 121 56.55 -3.33 -10.78
C TYR E 121 57.52 -2.39 -11.49
N VAL E 122 57.26 -1.09 -11.50
CA VAL E 122 58.13 -0.22 -12.28
C VAL E 122 59.56 -0.20 -11.76
N ARG E 123 59.77 -0.51 -10.48
CA ARG E 123 61.10 -0.54 -9.88
C ARG E 123 61.56 -1.95 -9.56
N ARG E 124 60.90 -2.94 -10.18
CA ARG E 124 61.29 -4.34 -10.07
C ARG E 124 61.41 -4.82 -8.64
N TRP E 125 60.27 -4.90 -7.94
CA TRP E 125 60.18 -5.48 -6.61
C TRP E 125 60.93 -4.67 -5.56
N ASP E 126 60.57 -3.40 -5.40
CA ASP E 126 61.19 -2.53 -4.42
C ASP E 126 60.07 -1.75 -3.73
N TRP E 127 59.71 -2.19 -2.53
CA TRP E 127 58.60 -1.61 -1.78
C TRP E 127 59.13 -0.62 -0.76
N LYS E 128 58.57 0.59 -0.73
CA LYS E 128 59.09 1.68 0.08
C LYS E 128 58.03 2.33 0.97
N PHE E 129 56.86 1.72 1.14
CA PHE E 129 55.80 2.32 1.93
C PHE E 129 55.64 1.69 3.30
N GLY E 130 56.56 0.83 3.72
CA GLY E 130 56.48 0.30 5.08
C GLY E 130 55.70 -0.99 5.20
N ASP E 131 55.13 -1.22 6.38
CA ASP E 131 54.45 -2.48 6.69
C ASP E 131 52.95 -2.40 6.36
N ILE E 132 52.25 -1.40 6.88
CA ILE E 132 50.81 -1.35 6.74
C ILE E 132 50.35 -1.18 5.30
N PRO E 133 50.89 -0.25 4.50
CA PRO E 133 50.40 -0.13 3.12
C PRO E 133 50.61 -1.38 2.28
N CYS E 134 51.71 -2.10 2.46
CA CYS E 134 51.87 -3.39 1.80
C CYS E 134 50.86 -4.41 2.28
N ARG E 135 50.63 -4.46 3.58
CA ARG E 135 49.78 -5.47 4.18
C ARG E 135 48.29 -5.19 4.00
N LEU E 136 47.94 -3.99 3.53
CA LEU E 136 46.59 -3.68 3.12
C LEU E 136 46.43 -3.66 1.61
N MET E 137 47.52 -3.73 0.86
CA MET E 137 47.50 -3.87 -0.58
C MET E 137 47.36 -5.31 -1.04
N LEU E 138 47.62 -6.29 -0.20
CA LEU E 138 47.56 -7.68 -0.61
C LEU E 138 46.43 -8.42 0.06
N PHE E 139 45.60 -7.73 0.82
CA PHE E 139 44.34 -8.24 1.33
C PHE E 139 43.15 -7.73 0.53
N MET E 140 43.21 -6.48 0.08
CA MET E 140 42.17 -5.94 -0.79
C MET E 140 42.12 -6.69 -2.11
N LEU E 141 43.27 -6.91 -2.75
CA LEU E 141 43.31 -7.64 -4.01
C LEU E 141 42.81 -9.07 -3.85
N ALA E 142 43.20 -9.72 -2.77
CA ALA E 142 42.86 -11.12 -2.57
C ALA E 142 41.45 -11.33 -2.03
N MET E 143 40.79 -10.28 -1.55
CA MET E 143 39.44 -10.38 -1.05
C MET E 143 38.39 -9.85 -2.01
N ASN E 144 38.72 -8.86 -2.82
CA ASN E 144 37.82 -8.40 -3.88
C ASN E 144 37.62 -9.42 -4.98
N ARG E 145 38.68 -10.11 -5.39
CA ARG E 145 38.63 -11.08 -6.48
C ARG E 145 37.74 -12.26 -6.15
N GLN E 146 37.87 -12.79 -4.94
CA GLN E 146 36.97 -13.83 -4.47
C GLN E 146 35.55 -13.31 -4.27
N GLY E 147 35.36 -12.00 -4.17
CA GLY E 147 34.06 -11.44 -3.93
C GLY E 147 33.46 -10.88 -5.19
N SER E 148 34.24 -10.88 -6.27
CA SER E 148 33.71 -10.57 -7.58
C SER E 148 33.36 -11.83 -8.36
N ILE E 149 33.61 -13.00 -7.75
CA ILE E 149 33.24 -14.28 -8.34
C ILE E 149 32.07 -14.92 -7.61
N ILE E 150 31.78 -14.47 -6.39
CA ILE E 150 30.69 -15.01 -5.58
C ILE E 150 29.43 -14.22 -5.93
N PHE E 151 29.59 -12.97 -6.32
CA PHE E 151 28.47 -12.16 -6.76
C PHE E 151 28.25 -12.24 -8.26
N LEU E 152 29.05 -13.04 -8.95
CA LEU E 152 28.90 -13.33 -10.36
C LEU E 152 28.24 -14.68 -10.59
N THR E 153 28.25 -15.55 -9.59
CA THR E 153 27.53 -16.82 -9.61
C THR E 153 26.08 -16.68 -9.19
N VAL E 154 25.78 -15.82 -8.21
CA VAL E 154 24.41 -15.62 -7.75
C VAL E 154 23.51 -15.13 -8.87
N VAL E 155 24.03 -14.25 -9.74
CA VAL E 155 23.27 -13.82 -10.90
C VAL E 155 22.90 -15.01 -11.77
N ALA E 156 23.85 -15.90 -12.00
CA ALA E 156 23.65 -17.07 -12.84
C ALA E 156 22.86 -18.17 -12.15
N VAL E 157 22.36 -17.93 -10.93
CA VAL E 157 21.39 -18.79 -10.28
C VAL E 157 20.03 -18.13 -10.20
N ASP E 158 20.02 -16.83 -9.92
CA ASP E 158 18.87 -15.96 -10.16
C ASP E 158 18.20 -16.27 -11.50
N ARG E 159 18.99 -16.23 -12.57
CA ARG E 159 18.42 -16.41 -13.91
C ARG E 159 17.85 -17.82 -14.08
N TYR E 160 18.54 -18.83 -13.56
CA TYR E 160 18.09 -20.20 -13.71
C TYR E 160 16.77 -20.43 -12.99
N PHE E 161 16.65 -19.94 -11.76
CA PHE E 161 15.37 -20.02 -11.07
C PHE E 161 14.31 -19.14 -11.71
N ARG E 162 14.71 -18.19 -12.55
CA ARG E 162 13.71 -17.42 -13.27
C ARG E 162 13.32 -18.03 -14.61
N VAL E 163 13.99 -19.08 -15.07
CA VAL E 163 13.62 -19.67 -16.36
C VAL E 163 13.04 -21.05 -16.22
N VAL E 164 13.81 -22.01 -15.69
CA VAL E 164 13.32 -23.37 -15.62
C VAL E 164 12.25 -23.56 -14.56
N HIS E 165 12.22 -22.67 -13.56
CA HIS E 165 11.28 -22.79 -12.44
C HIS E 165 10.57 -21.46 -12.26
N PRO E 166 9.70 -21.11 -13.18
CA PRO E 166 8.96 -19.85 -13.05
C PRO E 166 7.84 -20.01 -12.03
N HIS E 167 7.37 -18.86 -11.54
CA HIS E 167 6.49 -18.77 -10.38
C HIS E 167 6.93 -19.75 -9.29
N HIS E 168 8.14 -19.52 -8.80
CA HIS E 168 8.70 -20.21 -7.65
C HIS E 168 8.77 -19.25 -6.47
N ALA E 169 9.16 -19.77 -5.32
CA ALA E 169 9.22 -18.92 -4.13
C ALA E 169 10.41 -17.98 -4.18
N LEU E 170 11.58 -18.47 -4.59
CA LEU E 170 12.77 -17.63 -4.57
C LEU E 170 12.73 -16.51 -5.61
N ASN E 171 11.74 -16.53 -6.51
CA ASN E 171 11.58 -15.41 -7.43
C ASN E 171 10.90 -14.22 -6.76
N LYS E 172 10.32 -14.42 -5.58
CA LYS E 172 9.51 -13.41 -4.89
C LYS E 172 10.03 -13.17 -3.49
N ILE E 173 11.34 -12.98 -3.37
CA ILE E 173 11.95 -12.57 -2.11
C ILE E 173 12.12 -11.07 -2.14
N SER E 174 11.94 -10.46 -0.98
CA SER E 174 11.97 -9.01 -0.85
C SER E 174 13.40 -8.51 -0.78
N ASN E 175 13.59 -7.23 -1.06
CA ASN E 175 14.91 -6.65 -1.00
C ASN E 175 15.31 -6.23 0.40
N ARG E 176 14.67 -6.82 1.41
CA ARG E 176 15.15 -6.82 2.78
C ARG E 176 15.56 -8.22 3.23
N THR E 177 15.25 -9.24 2.44
CA THR E 177 15.81 -10.57 2.66
C THR E 177 16.86 -10.94 1.64
N ALA E 178 17.32 -9.98 0.84
CA ALA E 178 18.45 -10.18 -0.05
C ALA E 178 19.66 -9.35 0.34
N ALA E 179 19.45 -8.23 1.04
CA ALA E 179 20.57 -7.49 1.60
C ALA E 179 21.22 -8.26 2.74
N ILE E 180 20.43 -9.08 3.46
CA ILE E 180 21.00 -9.91 4.51
C ILE E 180 21.97 -10.94 3.92
N ILE E 181 21.58 -11.58 2.82
CA ILE E 181 22.46 -12.58 2.23
C ILE E 181 23.66 -11.90 1.57
N SER E 182 23.51 -10.66 1.09
CA SER E 182 24.65 -9.91 0.60
C SER E 182 25.64 -9.64 1.72
N CYS E 183 25.14 -9.25 2.90
CA CYS E 183 26.03 -9.03 4.04
C CYS E 183 26.71 -10.33 4.46
N LEU E 184 25.99 -11.45 4.43
CA LEU E 184 26.61 -12.72 4.76
C LEU E 184 27.70 -13.10 3.76
N LEU E 185 27.46 -12.84 2.47
CA LEU E 185 28.46 -13.14 1.45
C LEU E 185 29.71 -12.29 1.62
N TRP E 186 29.54 -10.99 1.91
CA TRP E 186 30.69 -10.16 2.25
C TRP E 186 31.39 -10.69 3.49
N GLY E 187 30.64 -11.18 4.46
CA GLY E 187 31.20 -11.71 5.67
C GLY E 187 32.11 -12.90 5.42
N ILE E 188 31.65 -13.86 4.63
CA ILE E 188 32.48 -15.03 4.36
C ILE E 188 33.69 -14.64 3.50
N THR E 189 33.50 -13.73 2.54
CA THR E 189 34.61 -13.22 1.75
C THR E 189 35.71 -12.69 2.66
N ILE E 190 35.34 -11.83 3.62
CA ILE E 190 36.33 -11.21 4.49
C ILE E 190 36.89 -12.25 5.47
N GLY E 191 36.08 -13.22 5.84
CA GLY E 191 36.53 -14.21 6.80
C GLY E 191 37.50 -15.21 6.22
N LEU E 192 37.59 -15.29 4.90
CA LEU E 192 38.55 -16.20 4.27
C LEU E 192 39.82 -15.50 3.81
N THR E 193 40.08 -14.27 4.25
CA THR E 193 41.20 -13.52 3.70
C THR E 193 41.93 -12.74 4.79
N VAL E 194 41.53 -12.94 6.06
CA VAL E 194 42.12 -12.17 7.14
C VAL E 194 43.57 -12.53 7.44
N HIS E 195 44.02 -13.72 7.05
CA HIS E 195 45.36 -14.16 7.38
C HIS E 195 46.45 -13.33 6.70
N LEU E 196 46.07 -12.34 5.90
CA LEU E 196 47.03 -11.52 5.17
C LEU E 196 47.27 -10.17 5.85
N LEU E 197 46.74 -9.98 7.06
CA LEU E 197 47.08 -8.86 7.92
C LEU E 197 47.96 -9.28 9.09
N LYS E 198 48.00 -10.56 9.41
CA LYS E 198 48.72 -11.09 10.56
C LYS E 198 50.07 -11.67 10.14
N LYS E 199 50.92 -10.81 9.57
CA LYS E 199 52.25 -11.24 9.14
C LYS E 199 53.12 -10.02 8.90
N LYS E 200 54.39 -10.13 9.30
CA LYS E 200 55.37 -9.07 9.01
C LYS E 200 55.74 -9.17 7.54
N MET E 201 55.12 -8.34 6.71
CA MET E 201 55.08 -8.65 5.28
C MET E 201 56.40 -8.36 4.59
N PRO E 202 56.93 -7.13 4.61
CA PRO E 202 58.12 -6.84 3.78
C PRO E 202 59.30 -7.71 4.19
N ILE E 203 60.04 -8.18 3.18
CA ILE E 203 61.02 -9.24 3.36
C ILE E 203 62.36 -8.83 2.75
N GLN E 204 63.44 -9.21 3.44
CA GLN E 204 64.78 -8.91 2.96
C GLN E 204 65.19 -9.85 1.85
N ASN E 205 65.36 -9.30 0.64
CA ASN E 205 65.90 -10.01 -0.51
C ASN E 205 67.38 -9.68 -0.68
N GLY E 206 67.95 -8.96 0.27
CA GLY E 206 69.28 -8.42 0.13
C GLY E 206 69.27 -7.03 -0.47
N GLY E 207 68.87 -6.92 -1.73
CA GLY E 207 68.85 -5.64 -2.41
C GLY E 207 67.64 -4.78 -2.09
N ALA E 208 66.45 -5.37 -2.11
CA ALA E 208 65.21 -4.63 -1.94
C ALA E 208 64.23 -5.43 -1.07
N ASN E 209 63.00 -4.93 -1.01
CA ASN E 209 61.92 -5.55 -0.23
C ASN E 209 60.77 -5.88 -1.17
N LEU E 210 60.31 -7.13 -1.14
CA LEU E 210 59.29 -7.60 -2.07
C LEU E 210 57.94 -7.65 -1.36
N CYS E 211 56.96 -6.93 -1.91
CA CYS E 211 55.59 -6.89 -1.31
C CYS E 211 54.72 -7.88 -2.07
N SER E 212 54.60 -9.13 -1.60
CA SER E 212 53.85 -10.12 -2.43
C SER E 212 53.24 -11.28 -1.63
N SER E 213 52.32 -12.03 -2.25
CA SER E 213 51.65 -13.22 -1.67
C SER E 213 51.94 -14.44 -2.54
N PHE E 214 52.40 -14.22 -3.77
CA PHE E 214 52.61 -15.27 -4.80
C PHE E 214 54.10 -15.44 -4.99
N SER E 215 54.66 -16.43 -4.33
CA SER E 215 56.09 -16.72 -4.40
C SER E 215 56.25 -18.22 -4.48
N ILE E 216 57.31 -18.64 -5.18
CA ILE E 216 57.41 -20.00 -5.69
C ILE E 216 58.04 -20.90 -4.65
N CYS E 217 57.23 -21.41 -3.69
CA CYS E 217 57.79 -22.19 -2.55
C CYS E 217 57.46 -23.68 -2.67
N HIS E 218 57.69 -24.41 -1.59
CA HIS E 218 57.54 -25.88 -1.67
C HIS E 218 56.79 -26.30 -0.42
N THR E 219 55.74 -25.57 -0.09
CA THR E 219 54.89 -25.95 1.06
C THR E 219 53.40 -25.76 0.75
N PHE E 220 52.56 -26.80 0.99
CA PHE E 220 51.09 -26.69 0.78
C PHE E 220 50.42 -25.79 1.83
N GLN E 221 49.45 -25.00 1.40
CA GLN E 221 48.77 -24.07 2.29
C GLN E 221 47.37 -23.77 1.79
N TRP E 222 46.76 -22.71 2.33
CA TRP E 222 45.38 -22.37 2.04
C TRP E 222 45.21 -21.39 0.87
N HIS E 223 46.21 -20.58 0.57
CA HIS E 223 46.01 -19.51 -0.41
C HIS E 223 45.95 -20.04 -1.83
N GLU E 224 46.78 -21.04 -2.15
CA GLU E 224 46.78 -21.64 -3.48
C GLU E 224 45.52 -22.47 -3.71
N ALA E 225 45.09 -23.19 -2.68
CA ALA E 225 43.85 -23.96 -2.77
C ALA E 225 42.66 -23.05 -3.00
N MET E 226 42.63 -21.91 -2.30
CA MET E 226 41.60 -20.91 -2.58
C MET E 226 41.70 -20.40 -4.00
N PHE E 227 42.93 -20.20 -4.49
CA PHE E 227 43.11 -19.67 -5.84
C PHE E 227 42.51 -20.60 -6.88
N LEU E 228 42.69 -21.91 -6.71
CA LEU E 228 42.13 -22.87 -7.67
C LEU E 228 40.61 -23.05 -7.47
N LEU E 229 40.17 -23.07 -6.22
CA LEU E 229 38.79 -23.39 -5.88
C LEU E 229 37.85 -22.21 -6.09
N GLU E 230 38.37 -21.01 -6.28
CA GLU E 230 37.55 -19.86 -6.65
C GLU E 230 37.30 -19.80 -8.14
N PHE E 231 37.82 -20.76 -8.90
CA PHE E 231 37.57 -20.90 -10.32
C PHE E 231 36.85 -22.19 -10.66
N PHE E 232 37.18 -23.30 -9.97
CA PHE E 232 36.58 -24.58 -10.35
C PHE E 232 35.07 -24.61 -10.07
N LEU E 233 34.66 -24.27 -8.86
CA LEU E 233 33.24 -24.39 -8.51
C LEU E 233 32.34 -23.44 -9.29
N PRO E 234 32.61 -22.13 -9.34
CA PRO E 234 31.76 -21.26 -10.16
C PRO E 234 31.64 -21.68 -11.61
N LEU E 235 32.67 -22.33 -12.17
CA LEU E 235 32.54 -22.83 -13.53
C LEU E 235 31.53 -23.97 -13.61
N GLY E 236 31.63 -24.93 -12.70
CA GLY E 236 30.72 -26.06 -12.71
C GLY E 236 29.31 -25.68 -12.33
N ILE E 237 29.10 -24.44 -11.89
CA ILE E 237 27.75 -23.95 -11.71
C ILE E 237 27.27 -23.14 -12.91
N ILE E 238 28.12 -22.23 -13.41
CA ILE E 238 27.71 -21.35 -14.50
C ILE E 238 27.43 -22.15 -15.76
N LEU E 239 28.24 -23.18 -16.05
CA LEU E 239 28.00 -23.96 -17.26
C LEU E 239 26.66 -24.66 -17.21
N PHE E 240 26.34 -25.31 -16.09
CA PHE E 240 25.07 -26.00 -15.92
C PHE E 240 23.90 -25.04 -16.06
N CYS E 241 23.94 -23.92 -15.34
CA CYS E 241 22.84 -22.96 -15.41
C CYS E 241 22.68 -22.40 -16.82
N SER E 242 23.79 -21.98 -17.45
CA SER E 242 23.74 -21.35 -18.75
C SER E 242 23.38 -22.32 -19.86
N ALA E 243 23.51 -23.63 -19.62
CA ALA E 243 23.07 -24.60 -20.62
C ALA E 243 21.59 -24.92 -20.44
N ARG E 244 21.14 -25.12 -19.20
CA ARG E 244 19.74 -25.44 -18.99
C ARG E 244 18.82 -24.27 -19.34
N ILE E 245 19.25 -23.04 -19.08
CA ILE E 245 18.42 -21.89 -19.45
C ILE E 245 18.14 -21.88 -20.95
N ILE E 246 19.18 -22.12 -21.75
CA ILE E 246 19.05 -22.08 -23.20
C ILE E 246 18.27 -23.28 -23.71
N TRP E 247 18.54 -24.47 -23.18
CA TRP E 247 17.83 -25.65 -23.64
C TRP E 247 16.33 -25.56 -23.33
N SER E 248 15.99 -25.22 -22.09
CA SER E 248 14.59 -25.21 -21.70
C SER E 248 13.82 -24.03 -22.27
N LEU E 249 14.51 -22.97 -22.65
CA LEU E 249 13.90 -21.90 -23.44
C LEU E 249 13.84 -22.26 -24.92
N ARG E 250 14.20 -23.50 -25.25
CA ARG E 250 14.23 -23.99 -26.62
C ARG E 250 13.37 -25.22 -26.85
N GLN E 251 13.16 -26.08 -25.86
CA GLN E 251 12.17 -27.14 -25.96
C GLN E 251 10.77 -26.63 -25.69
N ARG E 252 10.62 -25.34 -25.40
CA ARG E 252 9.32 -24.70 -25.32
C ARG E 252 8.99 -23.93 -26.59
N GLN E 253 9.74 -24.16 -27.67
CA GLN E 253 9.52 -23.51 -28.97
C GLN E 253 9.35 -22.00 -28.83
N MET E 254 10.03 -21.43 -27.83
CA MET E 254 9.84 -20.05 -27.44
C MET E 254 10.93 -19.14 -27.98
N ASP E 255 11.97 -19.69 -28.60
CA ASP E 255 13.11 -18.90 -29.08
C ASP E 255 12.87 -18.36 -30.49
N ARG E 256 11.74 -17.70 -30.69
CA ARG E 256 11.41 -17.13 -31.98
C ARG E 256 11.30 -15.62 -31.96
N HIS E 257 11.05 -15.01 -30.81
CA HIS E 257 11.22 -13.57 -30.69
C HIS E 257 12.72 -13.27 -30.66
N ALA E 258 13.07 -12.06 -31.09
CA ALA E 258 14.48 -11.69 -31.17
C ALA E 258 15.14 -11.69 -29.78
N LYS E 259 14.43 -11.18 -28.77
CA LYS E 259 15.06 -10.92 -27.48
C LYS E 259 15.49 -12.21 -26.79
N ILE E 260 14.79 -13.32 -27.04
CA ILE E 260 15.27 -14.60 -26.52
C ILE E 260 16.61 -14.97 -27.15
N LYS E 261 16.75 -14.76 -28.47
CA LYS E 261 18.03 -15.04 -29.12
C LYS E 261 19.13 -14.14 -28.57
N ARG E 262 18.83 -12.86 -28.36
CA ARG E 262 19.81 -11.93 -27.82
C ARG E 262 20.26 -12.36 -26.42
N ALA E 263 19.31 -12.78 -25.58
CA ALA E 263 19.62 -13.33 -24.27
C ALA E 263 20.50 -14.56 -24.36
N ILE E 264 20.22 -15.45 -25.32
CA ILE E 264 21.05 -16.64 -25.49
C ILE E 264 22.50 -16.25 -25.80
N THR E 265 22.68 -15.30 -26.73
CA THR E 265 24.03 -14.89 -27.08
C THR E 265 24.75 -14.29 -25.88
N PHE E 266 24.06 -13.45 -25.11
CA PHE E 266 24.74 -12.81 -23.98
C PHE E 266 25.06 -13.80 -22.87
N ILE E 267 24.24 -14.85 -22.71
CA ILE E 267 24.55 -15.89 -21.74
C ILE E 267 25.85 -16.61 -22.12
N MET E 268 25.95 -17.02 -23.39
CA MET E 268 27.21 -17.64 -23.83
C MET E 268 28.39 -16.68 -23.69
N VAL E 269 28.19 -15.40 -24.01
CA VAL E 269 29.19 -14.37 -23.82
C VAL E 269 29.73 -14.42 -22.40
N VAL E 270 28.81 -14.42 -21.42
CA VAL E 270 29.22 -14.41 -20.01
C VAL E 270 30.11 -15.61 -19.70
N ALA E 271 29.64 -16.81 -20.08
CA ALA E 271 30.38 -18.01 -19.69
C ALA E 271 31.77 -18.03 -20.31
N ILE E 272 31.86 -17.75 -21.60
CA ILE E 272 33.16 -17.90 -22.27
C ILE E 272 34.10 -16.75 -21.90
N VAL E 273 33.56 -15.57 -21.58
CA VAL E 273 34.42 -14.49 -21.09
C VAL E 273 35.02 -14.87 -19.74
N PHE E 274 34.21 -15.47 -18.87
CA PHE E 274 34.74 -15.95 -17.60
C PHE E 274 35.89 -16.92 -17.85
N VAL E 275 35.69 -17.91 -18.73
CA VAL E 275 36.73 -18.93 -18.90
C VAL E 275 37.98 -18.31 -19.50
N ILE E 276 37.82 -17.40 -20.47
CA ILE E 276 38.99 -16.78 -21.10
C ILE E 276 39.78 -15.97 -20.09
N CYS E 277 39.10 -15.13 -19.32
CA CYS E 277 39.81 -14.21 -18.45
C CYS E 277 40.28 -14.87 -17.15
N PHE E 278 39.88 -16.12 -16.90
CA PHE E 278 40.40 -16.75 -15.68
C PHE E 278 41.25 -18.00 -15.91
N LEU E 279 40.99 -18.83 -16.92
CA LEU E 279 41.61 -20.14 -17.03
C LEU E 279 43.14 -20.11 -17.12
N PRO E 280 43.76 -19.23 -17.93
CA PRO E 280 45.22 -19.32 -18.13
C PRO E 280 46.01 -19.33 -16.82
N SER E 281 45.61 -18.51 -15.85
CA SER E 281 46.36 -18.42 -14.61
C SER E 281 46.26 -19.72 -13.81
N VAL E 282 45.24 -20.52 -14.07
CA VAL E 282 45.01 -21.73 -13.28
C VAL E 282 45.67 -22.95 -13.91
N VAL E 283 46.30 -22.80 -15.08
CA VAL E 283 47.09 -23.91 -15.62
C VAL E 283 48.58 -23.65 -15.38
N VAL E 284 49.00 -22.40 -15.34
CA VAL E 284 50.40 -22.09 -15.05
C VAL E 284 50.75 -22.48 -13.63
N ARG E 285 49.84 -22.22 -12.69
CA ARG E 285 50.06 -22.64 -11.31
C ARG E 285 50.07 -24.15 -11.17
N ILE E 286 49.28 -24.87 -11.98
CA ILE E 286 49.36 -26.32 -11.96
C ILE E 286 50.70 -26.81 -12.50
N ARG E 287 51.19 -26.17 -13.57
CA ARG E 287 52.52 -26.48 -14.05
C ARG E 287 53.57 -26.20 -12.96
N ILE E 288 53.36 -25.14 -12.18
CA ILE E 288 54.27 -24.81 -11.09
C ILE E 288 54.28 -25.93 -10.06
N PHE E 289 53.09 -26.37 -9.62
CA PHE E 289 53.02 -27.45 -8.65
C PHE E 289 53.62 -28.72 -9.23
N TRP E 290 53.45 -28.92 -10.54
CA TRP E 290 54.05 -30.07 -11.21
C TRP E 290 55.57 -30.03 -11.10
N LEU E 291 56.15 -28.86 -11.37
CA LEU E 291 57.60 -28.70 -11.28
C LEU E 291 58.09 -28.88 -9.84
N LEU E 292 57.37 -28.31 -8.86
CA LEU E 292 57.75 -28.48 -7.46
C LEU E 292 57.72 -29.94 -7.04
N HIS E 293 56.68 -30.68 -7.38
CA HIS E 293 56.61 -32.06 -6.91
C HIS E 293 57.56 -32.96 -7.68
N THR E 294 57.78 -32.67 -8.97
CA THR E 294 58.69 -33.50 -9.76
C THR E 294 60.15 -33.20 -9.45
N SER E 295 60.58 -31.95 -9.59
CA SER E 295 61.95 -31.55 -9.37
C SER E 295 62.04 -30.71 -8.10
N GLY E 296 63.06 -31.01 -7.28
CA GLY E 296 63.21 -30.31 -6.02
C GLY E 296 63.57 -28.84 -6.20
N THR E 297 63.37 -28.08 -5.13
CA THR E 297 63.61 -26.64 -5.14
C THR E 297 65.08 -26.36 -4.84
N GLN E 298 65.97 -26.94 -5.64
CA GLN E 298 67.40 -26.74 -5.47
C GLN E 298 68.03 -25.90 -6.57
N ASN E 299 67.45 -25.90 -7.76
CA ASN E 299 67.96 -25.13 -8.90
C ASN E 299 66.81 -24.25 -9.36
N CYS E 300 66.74 -23.03 -8.83
CA CYS E 300 65.61 -22.15 -9.12
C CYS E 300 65.51 -21.80 -10.60
N GLU E 301 66.63 -21.90 -11.34
CA GLU E 301 66.69 -21.48 -12.74
C GLU E 301 65.64 -22.16 -13.60
N VAL E 302 65.20 -23.36 -13.22
CA VAL E 302 64.14 -24.06 -13.96
C VAL E 302 62.90 -23.19 -14.08
N TYR E 303 62.47 -22.59 -12.95
CA TYR E 303 61.29 -21.75 -12.96
C TYR E 303 61.52 -20.42 -13.68
N ARG E 304 62.77 -20.08 -13.97
CA ARG E 304 63.18 -18.78 -14.49
C ARG E 304 62.20 -18.16 -15.48
N SER E 305 61.70 -18.96 -16.41
CA SER E 305 60.80 -18.43 -17.43
C SER E 305 59.34 -18.55 -17.01
N VAL E 306 58.95 -19.71 -16.50
CA VAL E 306 57.52 -20.01 -16.35
C VAL E 306 56.88 -19.02 -15.39
N ASP E 307 57.58 -18.70 -14.30
CA ASP E 307 57.02 -17.76 -13.33
C ASP E 307 56.81 -16.39 -13.93
N LEU E 308 57.72 -15.95 -14.80
CA LEU E 308 57.50 -14.72 -15.54
C LEU E 308 56.14 -14.77 -16.22
N ALA E 309 55.89 -15.86 -16.96
CA ALA E 309 54.60 -16.04 -17.62
C ALA E 309 53.46 -15.92 -16.62
N PHE E 310 53.64 -16.49 -15.42
CA PHE E 310 52.59 -16.44 -14.42
C PHE E 310 52.24 -14.99 -14.10
N PHE E 311 53.24 -14.17 -13.80
CA PHE E 311 52.92 -12.80 -13.43
C PHE E 311 52.41 -11.98 -14.60
N ILE E 312 52.26 -12.60 -15.77
CA ILE E 312 51.52 -12.02 -16.87
C ILE E 312 50.11 -12.60 -16.96
N THR E 313 49.97 -13.92 -16.79
CA THR E 313 48.65 -14.52 -16.87
C THR E 313 47.77 -14.10 -15.71
N LEU E 314 48.36 -13.81 -14.56
CA LEU E 314 47.59 -13.27 -13.45
C LEU E 314 47.01 -11.91 -13.78
N SER E 315 47.62 -11.19 -14.72
CA SER E 315 47.04 -9.92 -15.16
C SER E 315 45.76 -10.14 -15.96
N PHE E 316 45.42 -11.39 -16.26
CA PHE E 316 44.12 -11.70 -16.82
C PHE E 316 43.03 -11.64 -15.76
N THR E 317 43.36 -11.97 -14.51
CA THR E 317 42.35 -12.01 -13.47
C THR E 317 41.77 -10.63 -13.16
N TYR E 318 42.54 -9.55 -13.35
CA TYR E 318 41.99 -8.21 -13.24
C TYR E 318 41.15 -7.84 -14.45
N MET E 319 41.38 -8.53 -15.57
CA MET E 319 40.77 -8.25 -16.86
C MET E 319 39.25 -8.12 -16.75
N ASN E 320 38.61 -9.09 -16.07
CA ASN E 320 37.17 -9.05 -15.90
C ASN E 320 36.70 -7.74 -15.30
N SER E 321 37.37 -7.27 -14.24
CA SER E 321 36.91 -6.04 -13.60
C SER E 321 36.91 -4.87 -14.57
N MET E 322 37.67 -4.94 -15.65
CA MET E 322 37.53 -3.97 -16.73
C MET E 322 36.27 -4.24 -17.55
N LEU E 323 36.17 -5.43 -18.14
CA LEU E 323 35.08 -5.76 -19.06
C LEU E 323 33.98 -6.60 -18.40
N ASP E 324 33.78 -6.45 -17.10
CA ASP E 324 32.62 -7.02 -16.42
C ASP E 324 31.39 -6.15 -16.65
N PRO E 325 31.46 -4.82 -16.51
CA PRO E 325 30.26 -4.01 -16.77
C PRO E 325 29.78 -4.03 -18.21
N VAL E 326 30.68 -4.13 -19.19
CA VAL E 326 30.26 -4.07 -20.59
C VAL E 326 29.43 -5.29 -20.96
N VAL E 327 29.38 -6.29 -20.09
CA VAL E 327 28.57 -7.47 -20.33
C VAL E 327 27.29 -7.48 -19.49
N TYR E 328 27.34 -6.98 -18.26
CA TYR E 328 26.22 -7.07 -17.33
C TYR E 328 25.41 -5.80 -17.20
N TYR E 329 26.05 -4.64 -17.18
CA TYR E 329 25.39 -3.41 -16.75
C TYR E 329 25.10 -2.43 -17.87
N PHE E 330 25.73 -2.58 -19.04
CA PHE E 330 25.58 -1.62 -20.13
C PHE E 330 24.87 -2.21 -21.34
N SER E 331 25.37 -3.32 -21.86
CA SER E 331 24.74 -3.98 -22.99
C SER E 331 24.01 -5.22 -22.52
#